data_5ZO8
#
_entry.id   5ZO8
#
_cell.length_a   95.293
_cell.length_b   50.724
_cell.length_c   83.355
_cell.angle_alpha   90.00
_cell.angle_beta   112.99
_cell.angle_gamma   90.00
#
_symmetry.space_group_name_H-M   'P 1 21 1'
#
loop_
_entity.id
_entity.type
_entity.pdbx_description
1 polymer 'Kinesin-like protein KIF11'
2 non-polymer "ADENOSINE-5'-DIPHOSPHATE"
3 non-polymer 'MAGNESIUM ION'
4 non-polymer '(2R)-2-azanyl-3-[(4-methoxyphenyl)-diphenyl-methyl]sulfanyl-propanoic acid'
5 non-polymer 'SULFATE ION'
6 non-polymer 'SODIUM ION'
7 water water
#
_entity_poly.entity_id   1
_entity_poly.type   'polypeptide(L)'
_entity_poly.pdbx_seq_one_letter_code
;MNHKVHMKNIQVVVRCRPFNLAERKASAHSIVECDPVRKEVSVRTGGLADKSSRKTYTFDMVFGASTKQIDVYRSVVCPI
LDEVIMGYNCTIFAYGQTGTGKTFTMEGERSPNEEYTWEEDPLAGIIPRTLHQIFEKLTDNGTEFSVKVSLLEIYNEELF
DLLNPSSDVSERLQMFDDPRNKRGVIIKGLEEITVHNKDEVYQILEKGAAKRTTAATLMNAYSSRSHSVFSVTIHMKETT
IDGEELVKIGKLNLVDLAGSENIGRSGAVDKRAREAGNINQSLLTLGRVITALVERTPHVPYRESKLTRILQDSLGGRTR
TSIIATISPASLNLEETLSTLEYAHRAKNILNKPEVNQKLQHHHHHH
;
_entity_poly.pdbx_strand_id   A,B
#
loop_
_chem_comp.id
_chem_comp.type
_chem_comp.name
_chem_comp.formula
4C5 non-polymer '(2R)-2-azanyl-3-[(4-methoxyphenyl)-diphenyl-methyl]sulfanyl-propanoic acid' 'C23 H23 N O3 S'
ADP non-polymer ADENOSINE-5'-DIPHOSPHATE 'C10 H15 N5 O10 P2'
MG non-polymer 'MAGNESIUM ION' 'Mg 2'
NA non-polymer 'SODIUM ION' 'Na 1'
SO4 non-polymer 'SULFATE ION' 'O4 S -2'
#
# COMPACT_ATOMS: atom_id res chain seq x y z
N MET A 7 9.26 21.49 16.66
CA MET A 7 8.86 22.37 17.79
C MET A 7 7.47 21.97 18.32
N LYS A 8 6.57 21.46 17.46
CA LYS A 8 5.29 20.96 17.96
C LYS A 8 4.66 19.91 17.01
N ASN A 9 4.35 18.74 17.57
CA ASN A 9 3.64 17.67 16.89
C ASN A 9 2.19 18.08 16.62
N ILE A 10 1.69 17.73 15.44
CA ILE A 10 0.28 17.72 15.16
C ILE A 10 -0.44 16.85 16.22
N GLN A 11 -1.47 17.43 16.83
CA GLN A 11 -2.34 16.74 17.75
C GLN A 11 -3.35 15.92 16.93
N VAL A 12 -3.54 14.65 17.33
CA VAL A 12 -4.50 13.78 16.70
C VAL A 12 -5.42 13.19 17.78
N VAL A 13 -6.74 13.33 17.57
CA VAL A 13 -7.75 12.76 18.47
C VAL A 13 -8.74 11.96 17.62
N VAL A 14 -9.47 11.06 18.28
CA VAL A 14 -10.42 10.16 17.69
C VAL A 14 -11.77 10.37 18.39
N ARG A 15 -12.82 10.43 17.56
CA ARG A 15 -14.19 10.48 18.00
C ARG A 15 -14.95 9.37 17.31
N CYS A 16 -15.49 8.45 18.13
CA CYS A 16 -16.36 7.37 17.67
C CYS A 16 -17.80 7.83 17.86
N ARG A 17 -18.65 7.56 16.86
CA ARG A 17 -20.06 7.92 16.94
C ARG A 17 -20.83 6.67 17.37
N PRO A 18 -22.10 6.82 17.81
CA PRO A 18 -22.93 5.67 18.15
C PRO A 18 -23.21 4.85 16.88
N PHE A 19 -23.75 3.65 17.10
CA PHE A 19 -24.26 2.82 16.01
C PHE A 19 -25.39 3.58 15.32
N ASN A 20 -25.44 3.49 13.99
CA ASN A 20 -26.52 4.09 13.21
C ASN A 20 -27.54 2.99 12.90
N LEU A 21 -28.61 3.34 12.18
CA LEU A 21 -29.80 2.46 11.97
C LEU A 21 -29.44 1.29 11.02
N ALA A 22 -28.38 1.45 10.25
CA ALA A 22 -27.93 0.43 9.28
C ALA A 22 -27.07 -0.63 9.97
N GLU A 23 -26.28 -0.21 10.97
CA GLU A 23 -25.16 -1.05 11.48
C GLU A 23 -25.67 -2.08 12.49
N ARG A 24 -25.48 -3.36 12.18
CA ARG A 24 -25.86 -4.47 13.07
C ARG A 24 -24.74 -4.68 14.09
N LYS A 25 -25.09 -4.76 15.39
CA LYS A 25 -24.13 -5.29 16.37
C LYS A 25 -24.61 -6.66 16.83
N ALA A 26 -23.79 -7.66 16.52
CA ALA A 26 -24.12 -9.05 16.84
C ALA A 26 -23.55 -9.40 18.22
N SER A 27 -22.44 -8.78 18.60
CA SER A 27 -21.56 -9.38 19.62
C SER A 27 -21.74 -8.63 20.93
N ALA A 28 -21.47 -9.36 22.02
CA ALA A 28 -21.70 -8.90 23.39
C ALA A 28 -20.62 -7.89 23.79
N HIS A 29 -19.39 -8.06 23.28
CA HIS A 29 -18.35 -7.08 23.54
C HIS A 29 -17.95 -6.36 22.25
N SER A 30 -17.93 -5.03 22.38
CA SER A 30 -17.68 -4.06 21.33
C SER A 30 -16.49 -4.47 20.45
N ILE A 31 -16.73 -4.35 19.14
CA ILE A 31 -15.72 -4.39 18.13
C ILE A 31 -14.76 -3.21 18.31
N VAL A 32 -15.26 -2.06 18.76
CA VAL A 32 -14.44 -0.87 18.91
C VAL A 32 -14.59 -0.38 20.34
N GLU A 33 -13.48 -0.27 21.07
CA GLU A 33 -13.47 0.19 22.45
C GLU A 33 -12.67 1.48 22.52
N CYS A 34 -13.26 2.48 23.17
CA CYS A 34 -12.70 3.79 23.39
C CYS A 34 -12.47 3.96 24.92
N ASP A 35 -11.21 4.23 25.30
CA ASP A 35 -10.82 4.47 26.69
C ASP A 35 -10.30 5.90 26.80
N PRO A 36 -11.16 6.87 27.19
CA PRO A 36 -10.74 8.27 27.21
C PRO A 36 -9.62 8.51 28.23
N VAL A 37 -9.59 7.71 29.31
CA VAL A 37 -8.62 7.91 30.38
C VAL A 37 -7.22 7.51 29.88
N ARG A 38 -7.11 6.37 29.20
CA ARG A 38 -5.81 5.88 28.66
C ARG A 38 -5.55 6.46 27.24
N LYS A 39 -6.54 7.15 26.67
CA LYS A 39 -6.41 7.76 25.34
C LYS A 39 -6.13 6.69 24.28
N GLU A 40 -6.88 5.58 24.39
CA GLU A 40 -6.70 4.41 23.54
C GLU A 40 -8.02 4.07 22.82
N VAL A 41 -7.88 3.61 21.57
CA VAL A 41 -8.92 2.99 20.81
C VAL A 41 -8.44 1.58 20.52
N SER A 42 -9.31 0.61 20.75
CA SER A 42 -8.96 -0.79 20.60
C SER A 42 -9.99 -1.43 19.68
N VAL A 43 -9.51 -2.08 18.61
CA VAL A 43 -10.41 -2.60 17.59
C VAL A 43 -10.21 -4.11 17.47
N ARG A 44 -11.30 -4.86 17.70
CA ARG A 44 -11.33 -6.31 17.48
C ARG A 44 -11.42 -6.54 15.97
N THR A 45 -10.31 -7.01 15.38
CA THR A 45 -10.25 -7.40 13.98
C THR A 45 -10.80 -8.84 13.87
N SER A 52 -10.31 -12.90 18.31
CA SER A 52 -10.08 -12.21 19.60
C SER A 52 -8.99 -11.14 19.46
N SER A 53 -8.23 -11.18 18.35
CA SER A 53 -7.18 -10.20 18.00
C SER A 53 -7.68 -8.75 18.05
N ARG A 54 -6.96 -7.90 18.80
CA ARG A 54 -7.24 -6.48 18.97
C ARG A 54 -6.02 -5.61 18.68
N LYS A 55 -6.15 -4.66 17.73
CA LYS A 55 -5.13 -3.62 17.57
C LYS A 55 -5.51 -2.40 18.42
N THR A 56 -4.55 -1.94 19.23
CA THR A 56 -4.72 -0.80 20.08
C THR A 56 -3.84 0.35 19.56
N TYR A 57 -4.40 1.56 19.61
CA TYR A 57 -3.75 2.78 19.20
C TYR A 57 -3.88 3.80 20.33
N THR A 58 -2.82 4.57 20.57
CA THR A 58 -2.83 5.66 21.49
C THR A 58 -2.94 6.94 20.66
N PHE A 59 -3.76 7.89 21.14
CA PHE A 59 -3.86 9.21 20.54
C PHE A 59 -3.76 10.26 21.63
N ASP A 60 -3.77 11.54 21.24
CA ASP A 60 -3.64 12.66 22.18
C ASP A 60 -4.93 12.80 23.00
N MET A 61 -6.10 12.50 22.40
CA MET A 61 -7.37 12.33 23.12
C MET A 61 -8.27 11.32 22.40
N VAL A 62 -9.21 10.75 23.13
CA VAL A 62 -10.16 9.79 22.60
C VAL A 62 -11.55 10.10 23.15
N PHE A 63 -12.54 10.10 22.25
CA PHE A 63 -13.91 10.43 22.58
C PHE A 63 -14.82 9.28 22.08
N GLY A 64 -15.41 8.54 23.01
CA GLY A 64 -16.30 7.44 22.70
C GLY A 64 -17.67 7.89 22.22
N ALA A 65 -18.49 6.90 21.90
CA ALA A 65 -19.81 7.05 21.24
C ALA A 65 -20.72 8.03 21.99
N SER A 66 -20.61 8.09 23.31
CA SER A 66 -21.54 8.92 24.12
C SER A 66 -21.09 10.38 24.19
N THR A 67 -19.87 10.70 23.74
CA THR A 67 -19.31 12.06 23.87
C THR A 67 -20.24 13.08 23.22
N LYS A 68 -20.65 14.11 23.98
CA LYS A 68 -21.57 15.12 23.48
C LYS A 68 -20.77 16.26 22.83
N GLN A 69 -21.46 17.03 21.98
CA GLN A 69 -20.89 18.14 21.23
C GLN A 69 -20.14 19.09 22.18
N ILE A 70 -20.73 19.39 23.35
CA ILE A 70 -20.18 20.39 24.27
C ILE A 70 -18.85 19.87 24.82
N ASP A 71 -18.74 18.55 25.00
CA ASP A 71 -17.54 17.91 25.50
C ASP A 71 -16.39 18.01 24.49
N VAL A 72 -16.69 17.81 23.21
CA VAL A 72 -15.70 17.94 22.15
C VAL A 72 -15.23 19.40 22.11
N TYR A 73 -16.17 20.33 22.17
CA TYR A 73 -15.82 21.72 22.12
C TYR A 73 -14.85 22.04 23.28
N ARG A 74 -15.22 21.64 24.51
CA ARG A 74 -14.47 22.05 25.74
C ARG A 74 -13.07 21.44 25.72
N SER A 75 -12.98 20.17 25.35
CA SER A 75 -11.74 19.44 25.43
C SER A 75 -10.79 19.82 24.29
N VAL A 76 -11.30 19.95 23.05
CA VAL A 76 -10.42 20.16 21.89
C VAL A 76 -10.26 21.65 21.55
N VAL A 77 -11.37 22.40 21.56
CA VAL A 77 -11.39 23.68 20.91
C VAL A 77 -10.97 24.80 21.89
N CYS A 78 -11.49 24.81 23.11
CA CYS A 78 -11.26 25.90 24.05
C CYS A 78 -9.77 26.20 24.12
N PRO A 79 -8.87 25.20 24.34
CA PRO A 79 -7.44 25.47 24.30
C PRO A 79 -6.94 26.03 22.96
N ILE A 80 -7.55 25.63 21.85
CA ILE A 80 -7.08 26.10 20.54
C ILE A 80 -7.53 27.54 20.36
N LEU A 81 -8.73 27.87 20.85
CA LEU A 81 -9.22 29.24 20.71
C LEU A 81 -8.28 30.20 21.44
N ASP A 82 -7.75 29.79 22.61
CA ASP A 82 -6.75 30.57 23.36
C ASP A 82 -5.49 30.78 22.53
N GLU A 83 -5.05 29.77 21.77
CA GLU A 83 -3.88 29.92 20.93
C GLU A 83 -4.19 30.96 19.85
N VAL A 84 -5.42 30.95 19.33
CA VAL A 84 -5.82 31.82 18.26
C VAL A 84 -5.68 33.27 18.76
N ILE A 85 -6.19 33.51 19.95
CA ILE A 85 -6.20 34.82 20.62
C ILE A 85 -4.77 35.31 20.91
N MET A 86 -3.79 34.40 21.13
CA MET A 86 -2.37 34.74 21.26
C MET A 86 -1.77 35.09 19.89
N GLY A 87 -2.53 34.90 18.81
CA GLY A 87 -2.10 35.24 17.47
C GLY A 87 -1.43 34.07 16.75
N TYR A 88 -1.70 32.84 17.17
CA TYR A 88 -1.28 31.71 16.41
C TYR A 88 -2.28 31.46 15.26
N ASN A 89 -1.77 30.94 14.15
CA ASN A 89 -2.59 30.30 13.12
C ASN A 89 -2.83 28.85 13.53
N CYS A 90 -4.10 28.44 13.62
CA CYS A 90 -4.51 27.10 13.99
C CYS A 90 -5.49 26.51 12.97
N THR A 91 -5.35 25.19 12.78
CA THR A 91 -6.15 24.39 11.88
C THR A 91 -6.63 23.16 12.63
N ILE A 92 -7.95 22.91 12.60
CA ILE A 92 -8.53 21.64 13.01
C ILE A 92 -9.15 21.00 11.76
N PHE A 93 -8.70 19.81 11.37
CA PHE A 93 -9.45 19.11 10.33
C PHE A 93 -10.08 17.81 10.85
N ALA A 94 -11.24 17.50 10.25
CA ALA A 94 -11.98 16.26 10.47
C ALA A 94 -11.70 15.31 9.30
N TYR A 95 -11.25 14.10 9.63
CA TYR A 95 -10.87 13.13 8.65
C TYR A 95 -11.55 11.81 9.01
N GLY A 96 -12.07 11.12 8.00
CA GLY A 96 -12.75 9.85 8.22
C GLY A 96 -13.75 9.53 7.12
N GLN A 97 -14.31 8.32 7.24
CA GLN A 97 -15.26 7.77 6.29
C GLN A 97 -16.55 8.60 6.30
N THR A 98 -17.12 8.82 5.11
CA THR A 98 -18.45 9.36 4.96
C THR A 98 -19.40 8.61 5.90
N GLY A 99 -20.18 9.37 6.68
CA GLY A 99 -21.15 8.80 7.61
C GLY A 99 -20.64 8.66 9.05
N THR A 100 -19.35 8.98 9.31
CA THR A 100 -18.77 8.83 10.63
C THR A 100 -18.92 10.11 11.48
N GLY A 101 -19.18 11.26 10.89
CA GLY A 101 -19.52 12.46 11.68
C GLY A 101 -18.49 13.60 11.60
N LYS A 102 -17.78 13.73 10.49
CA LYS A 102 -16.94 14.90 10.21
C LYS A 102 -17.79 16.17 10.27
N THR A 103 -18.94 16.20 9.58
CA THR A 103 -19.72 17.40 9.50
C THR A 103 -20.44 17.66 10.84
N PHE A 104 -20.92 16.58 11.46
CA PHE A 104 -21.54 16.63 12.78
C PHE A 104 -20.55 17.24 13.78
N THR A 105 -19.27 16.82 13.71
CA THR A 105 -18.26 17.34 14.57
C THR A 105 -17.96 18.81 14.24
N MET A 106 -17.74 19.15 12.96
CA MET A 106 -17.20 20.48 12.59
C MET A 106 -18.30 21.57 12.59
N GLU A 107 -19.52 21.23 12.15
CA GLU A 107 -20.65 22.18 12.05
C GLU A 107 -21.74 21.85 13.08
N GLY A 108 -22.12 20.57 13.14
CA GLY A 108 -23.26 20.09 13.90
C GLY A 108 -24.51 20.12 13.05
N GLU A 109 -25.67 20.02 13.71
CA GLU A 109 -26.96 20.11 13.07
C GLU A 109 -27.85 21.07 13.87
N ARG A 110 -28.91 21.55 13.22
CA ARG A 110 -29.92 22.41 13.81
C ARG A 110 -31.07 21.53 14.31
N SER A 111 -31.38 21.63 15.61
CA SER A 111 -32.57 21.00 16.23
C SER A 111 -33.85 21.59 15.63
N PRO A 112 -34.91 20.77 15.47
CA PRO A 112 -36.17 21.23 14.88
C PRO A 112 -37.05 22.00 15.86
N ASN A 113 -38.15 22.58 15.35
CA ASN A 113 -39.25 23.21 16.11
C ASN A 113 -38.81 24.54 16.75
N GLU A 114 -37.56 24.95 16.52
CA GLU A 114 -36.87 25.99 17.29
C GLU A 114 -37.17 25.77 18.79
N GLU A 115 -36.85 24.55 19.24
CA GLU A 115 -36.89 24.16 20.63
C GLU A 115 -35.72 24.82 21.38
N TYR A 116 -34.70 25.25 20.61
CA TYR A 116 -33.51 25.88 21.15
C TYR A 116 -33.12 27.06 20.26
N THR A 117 -32.52 28.07 20.88
CA THR A 117 -31.74 29.05 20.16
C THR A 117 -30.48 28.35 19.63
N TRP A 118 -29.88 28.93 18.58
CA TRP A 118 -28.67 28.36 17.97
C TRP A 118 -27.50 28.28 18.97
N GLU A 119 -27.51 29.15 19.98
CA GLU A 119 -26.44 29.23 20.99
C GLU A 119 -26.50 28.08 21.99
N GLU A 120 -27.69 27.49 22.15
CA GLU A 120 -27.94 26.47 23.15
C GLU A 120 -28.36 25.15 22.48
N ASP A 121 -28.28 25.08 21.15
CA ASP A 121 -28.63 23.88 20.41
C ASP A 121 -27.61 22.79 20.77
N PRO A 122 -28.01 21.70 21.45
CA PRO A 122 -27.05 20.66 21.85
C PRO A 122 -26.47 19.87 20.66
N LEU A 123 -27.07 19.99 19.47
CA LEU A 123 -26.54 19.39 18.24
C LEU A 123 -25.54 20.34 17.56
N ALA A 124 -25.44 21.61 18.01
CA ALA A 124 -24.49 22.54 17.41
C ALA A 124 -23.07 21.98 17.62
N GLY A 125 -22.19 22.27 16.66
CA GLY A 125 -20.82 21.75 16.63
C GLY A 125 -19.80 22.87 16.76
N ILE A 126 -18.58 22.60 16.30
CA ILE A 126 -17.40 23.41 16.63
C ILE A 126 -17.57 24.85 16.14
N ILE A 127 -17.92 25.01 14.85
CA ILE A 127 -17.96 26.33 14.18
C ILE A 127 -18.93 27.25 14.92
N PRO A 128 -20.23 26.93 15.11
CA PRO A 128 -21.14 27.82 15.83
C PRO A 128 -20.71 28.12 17.27
N ARG A 129 -20.21 27.10 17.99
CA ARG A 129 -19.78 27.29 19.38
C ARG A 129 -18.57 28.22 19.44
N THR A 130 -17.63 28.02 18.52
CA THR A 130 -16.41 28.79 18.49
C THR A 130 -16.72 30.27 18.22
N LEU A 131 -17.64 30.53 17.29
CA LEU A 131 -17.95 31.90 16.89
C LEU A 131 -18.59 32.65 18.07
N HIS A 132 -19.53 31.99 18.75
CA HIS A 132 -20.19 32.52 19.95
C HIS A 132 -19.16 32.89 21.03
N GLN A 133 -18.21 31.98 21.28
CA GLN A 133 -17.24 32.14 22.37
C GLN A 133 -16.23 33.23 22.04
N ILE A 134 -15.92 33.45 20.75
CA ILE A 134 -14.95 34.46 20.37
C ILE A 134 -15.39 35.82 20.93
N PHE A 135 -16.69 36.12 20.77
CA PHE A 135 -17.30 37.36 21.20
C PHE A 135 -17.36 37.40 22.73
N GLU A 136 -17.79 36.31 23.37
CA GLU A 136 -17.82 36.23 24.83
C GLU A 136 -16.45 36.57 25.40
N LYS A 137 -15.40 35.92 24.87
CA LYS A 137 -14.05 36.05 25.41
C LYS A 137 -13.46 37.45 25.13
N LEU A 138 -13.55 37.93 23.89
CA LEU A 138 -12.81 39.15 23.50
C LEU A 138 -13.52 40.42 24.00
N THR A 139 -14.83 40.35 24.27
CA THR A 139 -15.60 41.47 24.79
C THR A 139 -15.21 41.79 26.25
N ASP A 140 -15.08 40.77 27.10
CA ASP A 140 -14.69 40.96 28.54
C ASP A 140 -13.16 40.82 28.71
N ASN A 141 -12.44 40.66 27.60
CA ASN A 141 -10.98 40.80 27.56
C ASN A 141 -10.62 42.29 27.44
N GLY A 142 -11.57 43.09 26.93
CA GLY A 142 -11.46 44.55 26.87
C GLY A 142 -10.90 45.03 25.54
N THR A 143 -10.37 44.11 24.73
CA THR A 143 -9.40 44.38 23.65
C THR A 143 -10.15 44.84 22.40
N GLU A 144 -9.51 45.70 21.59
CA GLU A 144 -10.08 46.12 20.31
C GLU A 144 -9.82 45.02 19.27
N PHE A 145 -10.90 44.55 18.64
CA PHE A 145 -10.87 43.38 17.79
C PHE A 145 -11.95 43.48 16.70
N SER A 146 -11.68 42.81 15.59
CA SER A 146 -12.63 42.55 14.54
C SER A 146 -12.48 41.08 14.10
N VAL A 147 -13.59 40.50 13.64
CA VAL A 147 -13.70 39.10 13.22
C VAL A 147 -14.24 39.07 11.80
N LYS A 148 -13.58 38.37 10.88
CA LYS A 148 -14.13 38.08 9.55
C LYS A 148 -14.03 36.58 9.25
N VAL A 149 -15.01 36.09 8.48
CA VAL A 149 -15.16 34.67 8.19
C VAL A 149 -15.25 34.47 6.67
N SER A 150 -14.77 33.32 6.21
CA SER A 150 -14.96 32.88 4.87
C SER A 150 -15.31 31.39 4.88
N LEU A 151 -16.07 30.97 3.86
CA LEU A 151 -16.45 29.58 3.64
C LEU A 151 -16.22 29.22 2.17
N LEU A 152 -15.16 28.47 1.97
CA LEU A 152 -14.72 27.99 0.68
C LEU A 152 -14.91 26.48 0.62
N GLU A 153 -15.39 25.95 -0.51
CA GLU A 153 -15.44 24.49 -0.66
C GLU A 153 -14.74 24.08 -1.96
N ILE A 154 -14.12 22.90 -1.90
CA ILE A 154 -13.34 22.35 -2.99
C ILE A 154 -14.04 21.06 -3.45
N TYR A 155 -14.39 21.02 -4.75
CA TYR A 155 -14.90 19.84 -5.40
C TYR A 155 -14.30 19.73 -6.79
N ASN A 156 -13.67 18.61 -7.09
CA ASN A 156 -13.15 18.38 -8.43
C ASN A 156 -12.17 19.51 -8.77
N GLU A 157 -11.35 19.88 -7.78
CA GLU A 157 -10.26 20.85 -7.86
C GLU A 157 -10.79 22.23 -8.28
N GLU A 158 -12.06 22.51 -8.00
CA GLU A 158 -12.68 23.79 -8.28
C GLU A 158 -13.11 24.38 -6.93
N LEU A 159 -13.19 25.72 -6.88
CA LEU A 159 -13.33 26.47 -5.66
C LEU A 159 -14.70 27.16 -5.67
N PHE A 160 -15.53 26.82 -4.69
CA PHE A 160 -16.88 27.36 -4.55
C PHE A 160 -16.91 28.25 -3.32
N ASP A 161 -17.48 29.45 -3.48
CA ASP A 161 -17.62 30.45 -2.38
C ASP A 161 -19.04 30.38 -1.86
N LEU A 162 -19.27 29.93 -0.62
CA LEU A 162 -20.65 29.79 -0.13
C LEU A 162 -21.18 31.06 0.56
N LEU A 163 -20.33 32.08 0.75
CA LEU A 163 -20.76 33.28 1.50
C LEU A 163 -20.97 34.47 0.57
N ASN A 164 -20.53 34.40 -0.69
CA ASN A 164 -20.78 35.48 -1.64
C ASN A 164 -22.30 35.68 -1.76
N PRO A 165 -22.84 36.86 -1.36
CA PRO A 165 -24.29 37.05 -1.26
C PRO A 165 -25.02 37.14 -2.59
N SER A 166 -24.24 37.39 -3.65
CA SER A 166 -24.77 37.86 -4.89
C SER A 166 -24.66 36.84 -6.02
N SER A 167 -23.55 36.13 -6.12
CA SER A 167 -23.21 35.36 -7.35
C SER A 167 -23.97 34.04 -7.35
N ASP A 168 -24.02 33.40 -8.51
CA ASP A 168 -24.44 32.01 -8.61
C ASP A 168 -23.31 31.20 -7.98
N VAL A 169 -23.66 30.08 -7.37
CA VAL A 169 -22.69 29.25 -6.66
C VAL A 169 -21.75 28.59 -7.67
N SER A 170 -22.20 28.42 -8.92
CA SER A 170 -21.45 27.84 -10.01
C SER A 170 -20.34 28.76 -10.54
N GLU A 171 -20.29 30.03 -10.09
CA GLU A 171 -19.14 30.96 -10.42
C GLU A 171 -17.92 30.66 -9.53
N ARG A 172 -16.97 29.87 -10.05
CA ARG A 172 -15.86 29.28 -9.32
C ARG A 172 -14.69 30.26 -9.23
N LEU A 173 -13.83 30.10 -8.21
CA LEU A 173 -12.74 31.06 -7.98
C LEU A 173 -11.38 30.54 -8.43
N GLN A 174 -10.40 31.45 -8.44
CA GLN A 174 -9.01 31.19 -8.76
C GLN A 174 -8.13 31.45 -7.54
N MET A 175 -7.00 30.77 -7.55
CA MET A 175 -6.05 30.72 -6.47
C MET A 175 -4.70 31.22 -7.02
N PHE A 176 -3.95 32.01 -6.24
CA PHE A 176 -2.59 32.37 -6.63
C PHE A 176 -1.70 32.50 -5.39
N ASP A 177 -0.38 32.36 -5.61
CA ASP A 177 0.58 32.36 -4.54
C ASP A 177 0.59 33.72 -3.83
N ASP A 178 0.64 33.69 -2.50
CA ASP A 178 0.59 34.91 -1.69
C ASP A 178 1.97 35.56 -1.70
N PRO A 179 2.14 36.79 -2.27
CA PRO A 179 3.45 37.43 -2.26
C PRO A 179 3.96 37.72 -0.83
N ARG A 180 3.05 37.66 0.16
CA ARG A 180 3.34 37.99 1.56
C ARG A 180 3.47 36.73 2.42
N ASN A 181 3.36 35.52 1.85
CA ASN A 181 3.43 34.27 2.65
C ASN A 181 3.88 33.11 1.75
N LYS A 182 5.19 32.79 1.86
CA LYS A 182 5.88 31.75 1.12
C LYS A 182 5.10 30.42 1.10
N ARG A 183 4.23 30.17 2.09
CA ARG A 183 3.55 28.89 2.21
C ARG A 183 2.03 29.03 2.09
N GLY A 184 1.55 30.16 1.56
CA GLY A 184 0.11 30.45 1.50
C GLY A 184 -0.38 30.87 0.12
N VAL A 185 -1.69 30.95 -0.01
CA VAL A 185 -2.34 31.35 -1.25
C VAL A 185 -3.40 32.42 -0.94
N ILE A 186 -3.79 33.16 -1.96
CA ILE A 186 -4.94 34.02 -1.89
C ILE A 186 -5.99 33.45 -2.86
N ILE A 187 -7.21 33.39 -2.37
CA ILE A 187 -8.35 32.98 -3.16
C ILE A 187 -8.96 34.27 -3.69
N LYS A 188 -8.72 34.61 -4.97
CA LYS A 188 -9.15 35.87 -5.54
C LYS A 188 -10.69 35.92 -5.55
N GLY A 189 -11.24 36.96 -4.93
CA GLY A 189 -12.66 37.20 -4.98
C GLY A 189 -13.40 36.43 -3.89
N LEU A 190 -12.66 35.76 -2.98
CA LEU A 190 -13.29 35.08 -1.85
C LEU A 190 -13.99 36.10 -0.93
N GLU A 191 -15.26 35.85 -0.65
CA GLU A 191 -16.04 36.71 0.20
C GLU A 191 -15.57 36.54 1.65
N GLU A 192 -15.19 37.65 2.27
CA GLU A 192 -14.81 37.74 3.67
C GLU A 192 -15.81 38.64 4.38
N ILE A 193 -16.63 38.05 5.26
CA ILE A 193 -17.71 38.78 5.93
C ILE A 193 -17.25 39.17 7.34
N THR A 194 -17.26 40.48 7.62
CA THR A 194 -17.02 41.00 8.98
C THR A 194 -18.24 40.68 9.84
N VAL A 195 -18.02 39.95 10.93
CA VAL A 195 -19.01 39.65 11.94
C VAL A 195 -18.82 40.65 13.08
N HIS A 196 -19.80 41.56 13.23
CA HIS A 196 -19.67 42.71 14.14
C HIS A 196 -19.96 42.30 15.58
N ASN A 197 -20.87 41.34 15.73
CA ASN A 197 -21.30 40.77 16.99
C ASN A 197 -21.91 39.39 16.73
N LYS A 198 -22.20 38.67 17.80
CA LYS A 198 -22.67 37.30 17.76
C LYS A 198 -24.08 37.19 17.13
N ASP A 199 -24.88 38.26 17.21
CA ASP A 199 -26.21 38.27 16.65
C ASP A 199 -26.17 38.36 15.11
N GLU A 200 -24.97 38.48 14.52
CA GLU A 200 -24.83 38.43 13.07
C GLU A 200 -24.35 37.05 12.61
N VAL A 201 -24.06 36.13 13.53
CA VAL A 201 -23.37 34.87 13.24
C VAL A 201 -24.32 33.94 12.48
N TYR A 202 -25.54 33.78 12.99
CA TYR A 202 -26.45 32.73 12.55
C TYR A 202 -26.83 32.88 11.08
N GLN A 203 -27.12 34.12 10.67
CA GLN A 203 -27.61 34.42 9.35
C GLN A 203 -26.51 34.13 8.31
N ILE A 204 -25.25 34.32 8.71
CA ILE A 204 -24.10 33.95 7.90
C ILE A 204 -24.06 32.42 7.70
N LEU A 205 -24.13 31.69 8.79
CA LEU A 205 -24.08 30.23 8.75
C LEU A 205 -25.26 29.69 7.93
N GLU A 206 -26.41 30.33 8.06
CA GLU A 206 -27.64 30.00 7.31
C GLU A 206 -27.43 30.15 5.80
N LYS A 207 -26.85 31.29 5.40
CA LYS A 207 -26.62 31.57 3.99
C LYS A 207 -25.63 30.56 3.42
N GLY A 208 -24.58 30.22 4.18
CA GLY A 208 -23.61 29.21 3.80
C GLY A 208 -24.25 27.85 3.57
N ALA A 209 -25.08 27.40 4.52
CA ALA A 209 -25.73 26.08 4.39
C ALA A 209 -26.69 26.06 3.19
N ALA A 210 -27.42 27.17 2.96
CA ALA A 210 -28.40 27.19 1.90
C ALA A 210 -27.68 27.12 0.55
N LYS A 211 -26.58 27.84 0.42
CA LYS A 211 -25.90 27.93 -0.85
C LYS A 211 -25.23 26.58 -1.16
N ARG A 212 -24.79 25.87 -0.12
CA ARG A 212 -24.24 24.51 -0.26
C ARG A 212 -25.29 23.58 -0.88
N THR A 213 -26.55 23.71 -0.42
CA THR A 213 -27.65 22.91 -0.96
C THR A 213 -27.73 23.11 -2.47
N THR A 214 -27.62 24.35 -2.93
CA THR A 214 -27.66 24.66 -4.35
C THR A 214 -26.48 23.95 -5.05
N ALA A 215 -25.29 23.95 -4.45
CA ALA A 215 -24.13 23.28 -5.04
C ALA A 215 -24.37 21.77 -5.16
N ALA A 216 -25.03 21.19 -4.16
CA ALA A 216 -25.29 19.77 -4.14
C ALA A 216 -26.17 19.33 -5.32
N THR A 217 -27.10 20.19 -5.78
CA THR A 217 -27.94 19.87 -6.94
C THR A 217 -27.12 19.84 -8.24
N LEU A 218 -25.96 20.50 -8.30
CA LEU A 218 -25.19 20.63 -9.56
C LEU A 218 -24.13 19.53 -9.70
N MET A 219 -23.74 18.88 -8.61
CA MET A 219 -22.54 18.05 -8.63
C MET A 219 -22.82 16.69 -7.96
N ASN A 220 -22.26 15.62 -8.55
CA ASN A 220 -22.51 14.27 -8.11
C ASN A 220 -21.85 14.03 -6.73
N ALA A 221 -22.66 13.53 -5.77
CA ALA A 221 -22.18 13.13 -4.46
C ALA A 221 -21.36 14.25 -3.80
N TYR A 222 -21.90 15.47 -3.81
CA TYR A 222 -21.18 16.69 -3.46
C TYR A 222 -20.71 16.68 -2.00
N SER A 223 -21.63 16.32 -1.08
CA SER A 223 -21.37 16.23 0.39
C SER A 223 -20.10 15.43 0.67
N SER A 224 -20.01 14.25 0.06
CA SER A 224 -19.00 13.29 0.46
C SER A 224 -17.65 13.52 -0.26
N ARG A 225 -17.67 14.13 -1.46
CA ARG A 225 -16.45 14.34 -2.25
C ARG A 225 -15.84 15.73 -2.04
N SER A 226 -16.61 16.67 -1.47
CA SER A 226 -16.15 18.00 -1.25
C SER A 226 -15.36 18.08 0.05
N HIS A 227 -14.42 19.05 0.07
CA HIS A 227 -13.73 19.55 1.24
C HIS A 227 -14.31 20.94 1.59
N SER A 228 -14.58 21.19 2.85
CA SER A 228 -15.14 22.46 3.32
C SER A 228 -14.10 23.16 4.19
N VAL A 229 -13.78 24.41 3.86
CA VAL A 229 -12.82 25.21 4.64
C VAL A 229 -13.49 26.46 5.18
N PHE A 230 -13.77 26.45 6.48
CA PHE A 230 -14.30 27.62 7.18
C PHE A 230 -13.18 28.33 7.94
N SER A 231 -12.93 29.60 7.59
CA SER A 231 -11.80 30.40 8.09
C SER A 231 -12.34 31.56 8.96
N VAL A 232 -11.81 31.69 10.17
CA VAL A 232 -12.09 32.86 11.00
C VAL A 232 -10.75 33.55 11.28
N THR A 233 -10.70 34.84 10.91
CA THR A 233 -9.56 35.71 11.14
C THR A 233 -9.95 36.79 12.17
N ILE A 234 -9.13 36.94 13.23
CA ILE A 234 -9.34 37.90 14.33
C ILE A 234 -8.13 38.86 14.34
N HIS A 235 -8.39 40.13 14.02
CA HIS A 235 -7.46 41.22 14.18
C HIS A 235 -7.67 41.79 15.57
N MET A 236 -6.56 41.89 16.32
CA MET A 236 -6.57 42.37 17.70
C MET A 236 -5.47 43.41 17.86
N LYS A 237 -5.78 44.54 18.49
CA LYS A 237 -4.76 45.58 18.72
C LYS A 237 -4.56 45.75 20.24
N GLU A 238 -3.30 45.86 20.66
CA GLU A 238 -2.90 45.93 22.04
C GLU A 238 -1.84 47.02 22.22
N THR A 239 -1.91 47.74 23.34
CA THR A 239 -0.88 48.75 23.67
C THR A 239 0.21 48.06 24.50
N THR A 240 1.47 48.28 24.13
CA THR A 240 2.61 47.76 24.89
C THR A 240 2.97 48.74 26.03
N ILE A 241 3.68 48.21 27.03
CA ILE A 241 4.11 48.97 28.21
C ILE A 241 5.03 50.12 27.80
N ASP A 242 5.78 49.95 26.70
CA ASP A 242 6.66 51.01 26.15
C ASP A 242 5.87 52.01 25.29
N GLY A 243 4.56 51.80 25.14
CA GLY A 243 3.65 52.74 24.48
C GLY A 243 3.61 52.57 22.97
N GLU A 244 3.88 51.34 22.50
CA GLU A 244 3.77 51.00 21.07
C GLU A 244 2.45 50.26 20.83
N GLU A 245 1.97 50.34 19.59
CA GLU A 245 0.74 49.69 19.12
C GLU A 245 1.13 48.31 18.55
N LEU A 246 0.58 47.26 19.16
CA LEU A 246 0.81 45.88 18.74
C LEU A 246 -0.48 45.35 18.09
N VAL A 247 -0.36 44.87 16.85
CA VAL A 247 -1.46 44.23 16.14
C VAL A 247 -1.18 42.73 16.03
N LYS A 248 -2.06 41.89 16.62
CA LYS A 248 -1.96 40.47 16.35
C LYS A 248 -3.15 39.99 15.55
N ILE A 249 -2.84 39.03 14.68
CA ILE A 249 -3.79 38.37 13.83
C ILE A 249 -3.81 36.89 14.23
N GLY A 250 -4.96 36.45 14.75
CA GLY A 250 -5.22 35.05 15.00
C GLY A 250 -6.12 34.50 13.91
N LYS A 251 -5.82 33.28 13.47
CA LYS A 251 -6.51 32.63 12.34
C LYS A 251 -6.87 31.19 12.71
N LEU A 252 -8.13 30.80 12.49
CA LEU A 252 -8.61 29.43 12.74
C LEU A 252 -9.26 28.91 11.45
N ASN A 253 -8.67 27.83 10.91
CA ASN A 253 -9.18 27.08 9.80
C ASN A 253 -9.85 25.82 10.33
N LEU A 254 -11.15 25.72 10.12
CA LEU A 254 -11.93 24.53 10.49
C LEU A 254 -12.29 23.81 9.19
N VAL A 255 -11.69 22.64 8.99
CA VAL A 255 -11.69 21.95 7.71
C VAL A 255 -12.42 20.60 7.82
N ASP A 256 -13.46 20.43 6.99
CA ASP A 256 -14.27 19.23 6.94
C ASP A 256 -13.92 18.51 5.64
N LEU A 257 -13.06 17.49 5.70
CA LEU A 257 -12.48 16.88 4.51
C LEU A 257 -13.48 15.97 3.79
N ALA A 258 -13.21 15.74 2.50
CA ALA A 258 -13.85 14.70 1.73
C ALA A 258 -13.75 13.38 2.48
N GLY A 259 -14.77 12.52 2.29
CA GLY A 259 -14.78 11.20 2.88
C GLY A 259 -13.57 10.36 2.47
N SER A 260 -12.92 9.77 3.47
CA SER A 260 -11.64 9.08 3.31
C SER A 260 -11.73 7.87 2.34
N GLU A 261 -12.92 7.29 2.19
CA GLU A 261 -13.15 6.07 1.35
C GLU A 261 -13.04 6.37 -0.16
N ASN A 262 -12.88 7.63 -0.55
CA ASN A 262 -12.92 8.06 -1.98
C ASN A 262 -11.60 7.78 -2.71
N ASN A 278 -9.31 13.81 -11.28
CA ASN A 278 -9.42 15.12 -10.59
C ASN A 278 -10.42 15.07 -9.41
N ILE A 279 -11.38 14.15 -9.43
CA ILE A 279 -12.41 14.20 -8.41
C ILE A 279 -11.77 14.00 -7.03
N ASN A 280 -10.75 13.15 -6.93
CA ASN A 280 -10.14 12.80 -5.66
C ASN A 280 -8.68 13.28 -5.55
N GLN A 281 -8.25 14.16 -6.47
CA GLN A 281 -6.87 14.70 -6.51
C GLN A 281 -6.49 15.35 -5.16
N SER A 282 -7.35 16.17 -4.56
CA SER A 282 -7.00 16.83 -3.32
C SER A 282 -6.80 15.79 -2.20
N LEU A 283 -7.71 14.82 -2.07
CA LEU A 283 -7.65 13.79 -1.01
C LEU A 283 -6.40 12.91 -1.23
N LEU A 284 -6.17 12.46 -2.46
CA LEU A 284 -4.95 11.75 -2.84
C LEU A 284 -3.69 12.53 -2.40
N THR A 285 -3.56 13.77 -2.84
CA THR A 285 -2.35 14.56 -2.62
C THR A 285 -2.14 14.80 -1.12
N LEU A 286 -3.22 15.02 -0.36
CA LEU A 286 -3.14 15.12 1.10
C LEU A 286 -2.43 13.89 1.68
N GLY A 287 -2.84 12.71 1.20
CA GLY A 287 -2.19 11.41 1.51
C GLY A 287 -0.69 11.43 1.28
N ARG A 288 -0.29 11.80 0.08
CA ARG A 288 1.10 11.82 -0.36
C ARG A 288 1.87 12.88 0.43
N VAL A 289 1.22 14.01 0.76
CA VAL A 289 1.87 15.04 1.53
C VAL A 289 2.18 14.51 2.94
N ILE A 290 1.19 13.86 3.56
CA ILE A 290 1.34 13.32 4.91
C ILE A 290 2.45 12.27 4.91
N THR A 291 2.44 11.38 3.92
CA THR A 291 3.46 10.33 3.78
C THR A 291 4.84 10.99 3.70
N ALA A 292 4.98 11.96 2.78
CA ALA A 292 6.26 12.64 2.56
C ALA A 292 6.78 13.29 3.86
N LEU A 293 5.89 13.89 4.65
CA LEU A 293 6.31 14.58 5.89
C LEU A 293 6.77 13.56 6.94
N VAL A 294 6.07 12.42 7.09
CA VAL A 294 6.41 11.49 8.19
C VAL A 294 7.68 10.72 7.82
N GLU A 295 7.87 10.40 6.54
CA GLU A 295 9.02 9.63 6.07
C GLU A 295 10.18 10.58 5.73
N ARG A 296 10.05 11.86 6.10
CA ARG A 296 11.09 12.87 5.94
C ARG A 296 11.60 12.86 4.49
N THR A 297 10.76 12.46 3.52
CA THR A 297 11.16 12.49 2.10
C THR A 297 11.27 13.97 1.73
N PRO A 298 12.15 14.32 0.77
CA PRO A 298 12.61 15.71 0.63
C PRO A 298 11.65 16.60 -0.17
N HIS A 299 10.85 16.00 -1.05
CA HIS A 299 9.86 16.74 -1.82
C HIS A 299 8.45 16.42 -1.29
N VAL A 300 7.81 17.46 -0.73
CA VAL A 300 6.41 17.42 -0.30
C VAL A 300 5.60 18.05 -1.42
N PRO A 301 4.74 17.28 -2.13
CA PRO A 301 3.96 17.83 -3.24
C PRO A 301 2.70 18.64 -2.85
N TYR A 302 2.88 19.64 -1.97
CA TYR A 302 1.84 20.61 -1.63
C TYR A 302 1.19 21.19 -2.89
N ARG A 303 2.01 21.46 -3.92
CA ARG A 303 1.58 22.24 -5.08
C ARG A 303 0.58 21.43 -5.94
N GLU A 304 0.51 20.11 -5.75
CA GLU A 304 -0.16 19.20 -6.69
C GLU A 304 -1.69 19.07 -6.45
N SER A 305 -2.27 19.81 -5.49
CA SER A 305 -3.73 19.92 -5.37
C SER A 305 -4.13 21.23 -4.69
N LYS A 306 -5.40 21.63 -4.90
CA LYS A 306 -5.91 22.88 -4.34
C LYS A 306 -5.88 22.82 -2.80
N LEU A 307 -6.37 21.72 -2.22
CA LEU A 307 -6.43 21.59 -0.73
C LEU A 307 -5.04 21.74 -0.09
N THR A 308 -4.02 21.09 -0.62
CA THR A 308 -2.68 21.07 -0.02
C THR A 308 -1.99 22.40 -0.29
N ARG A 309 -2.38 23.13 -1.34
CA ARG A 309 -1.87 24.50 -1.51
C ARG A 309 -2.47 25.37 -0.40
N ILE A 310 -3.79 25.21 -0.18
CA ILE A 310 -4.46 26.05 0.81
C ILE A 310 -3.96 25.72 2.22
N LEU A 311 -3.65 24.44 2.50
CA LEU A 311 -3.28 24.00 3.86
C LEU A 311 -1.76 23.70 3.98
N GLN A 312 -0.93 24.18 3.05
CA GLN A 312 0.54 23.94 3.11
C GLN A 312 1.05 24.27 4.52
N ASP A 313 0.57 25.40 5.07
CA ASP A 313 1.12 25.92 6.28
C ASP A 313 0.70 25.07 7.48
N SER A 314 -0.46 24.40 7.38
CA SER A 314 -1.04 23.54 8.42
C SER A 314 -0.27 22.22 8.56
N LEU A 315 0.52 21.88 7.52
CA LEU A 315 1.11 20.55 7.33
C LEU A 315 2.64 20.65 7.17
N GLY A 316 3.30 20.78 8.32
CA GLY A 316 4.76 20.90 8.43
C GLY A 316 5.24 22.35 8.44
N GLY A 317 4.31 23.32 8.62
CA GLY A 317 4.60 24.75 8.58
C GLY A 317 4.37 25.40 9.94
N ARG A 318 3.82 26.62 9.92
CA ARG A 318 3.90 27.56 11.08
C ARG A 318 2.54 27.66 11.80
N THR A 319 1.78 26.56 11.75
CA THR A 319 0.42 26.47 12.22
C THR A 319 0.38 25.45 13.36
N ARG A 320 -0.48 25.68 14.35
CA ARG A 320 -0.84 24.64 15.31
C ARG A 320 -2.01 23.84 14.76
N THR A 321 -1.77 22.57 14.44
CA THR A 321 -2.76 21.75 13.75
C THR A 321 -3.25 20.62 14.65
N SER A 322 -4.56 20.36 14.59
CA SER A 322 -5.16 19.16 15.18
C SER A 322 -5.95 18.40 14.10
N ILE A 323 -5.97 17.08 14.20
CA ILE A 323 -6.85 16.21 13.42
C ILE A 323 -7.83 15.50 14.38
N ILE A 324 -9.11 15.60 14.08
CA ILE A 324 -10.17 14.79 14.64
C ILE A 324 -10.50 13.70 13.63
N ALA A 325 -10.06 12.48 13.95
CA ALA A 325 -10.35 11.31 13.15
C ALA A 325 -11.69 10.73 13.59
N THR A 326 -12.62 10.58 12.65
CA THR A 326 -13.96 10.08 12.99
C THR A 326 -14.09 8.64 12.46
N ILE A 327 -14.68 7.77 13.30
CA ILE A 327 -14.78 6.34 13.03
C ILE A 327 -16.16 5.81 13.44
N SER A 328 -16.48 4.63 12.90
CA SER A 328 -17.66 3.89 13.19
C SER A 328 -17.33 2.82 14.22
N PRO A 329 -18.30 2.35 15.02
CA PRO A 329 -18.12 1.20 15.91
C PRO A 329 -18.50 -0.15 15.30
N ALA A 330 -18.86 -0.17 14.01
CA ALA A 330 -19.58 -1.29 13.48
C ALA A 330 -18.69 -2.14 12.57
N SER A 331 -19.02 -3.42 12.56
CA SER A 331 -18.36 -4.39 11.77
C SER A 331 -18.54 -4.07 10.27
N LEU A 332 -19.71 -3.52 9.89
CA LEU A 332 -19.96 -3.11 8.50
C LEU A 332 -18.81 -2.20 8.00
N ASN A 333 -18.31 -1.31 8.86
CA ASN A 333 -17.41 -0.22 8.44
C ASN A 333 -16.01 -0.40 9.04
N LEU A 334 -15.67 -1.65 9.40
CA LEU A 334 -14.45 -1.97 10.14
C LEU A 334 -13.20 -1.63 9.33
N GLU A 335 -13.20 -1.95 8.03
CA GLU A 335 -12.01 -1.80 7.21
C GLU A 335 -11.66 -0.32 7.09
N GLU A 336 -12.69 0.52 6.82
CA GLU A 336 -12.46 1.95 6.69
C GLU A 336 -12.07 2.51 8.05
N THR A 337 -12.68 2.00 9.15
CA THR A 337 -12.34 2.46 10.49
C THR A 337 -10.84 2.18 10.73
N LEU A 338 -10.38 0.98 10.38
CA LEU A 338 -8.97 0.62 10.56
C LEU A 338 -8.06 1.51 9.70
N SER A 339 -8.38 1.71 8.43
CA SER A 339 -7.59 2.60 7.55
C SER A 339 -7.52 3.99 8.19
N THR A 340 -8.68 4.51 8.65
CA THR A 340 -8.69 5.81 9.28
C THR A 340 -7.73 5.90 10.47
N LEU A 341 -7.79 4.91 11.37
CA LEU A 341 -6.95 4.92 12.58
C LEU A 341 -5.48 4.92 12.16
N GLU A 342 -5.11 4.07 11.19
CA GLU A 342 -3.71 3.94 10.78
C GLU A 342 -3.25 5.27 10.14
N TYR A 343 -4.09 5.84 9.28
CA TYR A 343 -3.82 7.08 8.59
C TYR A 343 -3.63 8.20 9.64
N ALA A 344 -4.57 8.32 10.58
CA ALA A 344 -4.50 9.37 11.58
C ALA A 344 -3.28 9.18 12.49
N HIS A 345 -3.08 7.94 12.97
CA HIS A 345 -2.02 7.66 13.91
C HIS A 345 -0.64 8.09 13.38
N ARG A 346 -0.34 7.78 12.12
CA ARG A 346 0.96 8.16 11.50
C ARG A 346 1.14 9.68 11.47
N ALA A 347 0.04 10.43 11.30
CA ALA A 347 0.08 11.90 11.17
C ALA A 347 0.57 12.58 12.46
N LYS A 348 0.60 11.86 13.59
CA LYS A 348 1.05 12.43 14.87
C LYS A 348 2.53 12.78 14.82
N ASN A 349 3.25 12.19 13.85
CA ASN A 349 4.69 12.36 13.74
C ASN A 349 5.02 13.64 12.96
N ILE A 350 4.01 14.33 12.43
CA ILE A 350 4.27 15.56 11.69
C ILE A 350 4.63 16.66 12.69
N LEU A 351 5.79 17.29 12.46
CA LEU A 351 6.30 18.39 13.27
C LEU A 351 6.00 19.72 12.55
N ASN A 352 5.25 20.59 13.23
CA ASN A 352 4.97 21.97 12.83
C ASN A 352 5.86 22.90 13.69
N LYS A 353 6.07 24.13 13.21
CA LYS A 353 6.87 25.15 13.90
C LYS A 353 6.00 26.35 14.17
N PRO A 354 5.10 26.32 15.18
CA PRO A 354 4.14 27.40 15.39
C PRO A 354 4.77 28.78 15.65
N GLU A 355 4.22 29.84 15.05
CA GLU A 355 4.68 31.21 15.24
C GLU A 355 3.46 32.13 15.41
N VAL A 356 3.63 33.18 16.21
CA VAL A 356 2.55 34.14 16.44
C VAL A 356 2.65 35.25 15.40
N ASN A 357 1.49 35.70 14.91
CA ASN A 357 1.39 36.86 14.04
C ASN A 357 1.34 38.12 14.92
N GLN A 358 2.53 38.66 15.20
CA GLN A 358 2.87 39.79 16.09
C GLN A 358 2.06 39.73 17.40
N MET B 7 2.20 -7.96 -24.86
CA MET B 7 2.19 -9.03 -25.92
C MET B 7 1.92 -10.41 -25.29
N LYS B 8 2.38 -10.66 -24.07
CA LYS B 8 2.03 -11.90 -23.37
C LYS B 8 2.09 -11.75 -21.85
N ASN B 9 0.96 -12.08 -21.22
CA ASN B 9 0.77 -12.07 -19.78
C ASN B 9 1.63 -13.15 -19.11
N ILE B 10 2.20 -12.79 -17.96
CA ILE B 10 2.80 -13.76 -17.06
C ILE B 10 1.72 -14.81 -16.71
N GLN B 11 2.06 -16.08 -16.95
CA GLN B 11 1.24 -17.19 -16.60
C GLN B 11 1.41 -17.45 -15.09
N VAL B 12 0.28 -17.62 -14.40
CA VAL B 12 0.27 -17.87 -12.98
C VAL B 12 -0.57 -19.11 -12.70
N VAL B 13 0.02 -20.05 -11.95
CA VAL B 13 -0.64 -21.28 -11.55
C VAL B 13 -0.46 -21.45 -10.04
N VAL B 14 -1.34 -22.25 -9.44
CA VAL B 14 -1.35 -22.51 -8.01
C VAL B 14 -1.26 -24.02 -7.81
N ARG B 15 -0.41 -24.41 -6.86
CA ARG B 15 -0.26 -25.78 -6.42
C ARG B 15 -0.47 -25.82 -4.91
N CYS B 16 -1.51 -26.57 -4.49
CA CYS B 16 -1.78 -26.85 -3.09
C CYS B 16 -1.14 -28.19 -2.74
N ARG B 17 -0.54 -28.27 -1.55
CA ARG B 17 0.05 -29.51 -1.07
C ARG B 17 -0.93 -30.18 -0.12
N PRO B 18 -0.72 -31.47 0.22
CA PRO B 18 -1.55 -32.12 1.23
C PRO B 18 -1.28 -31.50 2.61
N PHE B 19 -2.16 -31.82 3.55
CA PHE B 19 -2.00 -31.52 4.96
C PHE B 19 -0.71 -32.17 5.47
N ASN B 20 0.05 -31.44 6.29
CA ASN B 20 1.25 -31.95 6.91
C ASN B 20 0.88 -32.39 8.34
N LEU B 21 1.86 -32.93 9.08
CA LEU B 21 1.64 -33.59 10.41
C LEU B 21 1.26 -32.55 11.48
N ALA B 22 1.57 -31.27 11.22
CA ALA B 22 1.32 -30.19 12.17
C ALA B 22 -0.12 -29.68 12.05
N GLU B 23 -0.64 -29.68 10.82
CA GLU B 23 -1.85 -28.91 10.49
C GLU B 23 -3.10 -29.71 10.84
N ARG B 24 -3.92 -29.16 11.76
CA ARG B 24 -5.15 -29.86 12.20
C ARG B 24 -6.25 -29.53 11.17
N LYS B 25 -7.00 -30.55 10.68
CA LYS B 25 -8.23 -30.24 9.96
C LYS B 25 -9.45 -30.59 10.82
N ALA B 26 -10.16 -29.54 11.18
CA ALA B 26 -11.22 -29.58 12.16
C ALA B 26 -12.56 -29.80 11.47
N SER B 27 -12.69 -29.34 10.23
CA SER B 27 -13.98 -29.34 9.53
C SER B 27 -14.03 -30.49 8.54
N ALA B 28 -15.25 -30.92 8.24
CA ALA B 28 -15.53 -31.99 7.28
C ALA B 28 -15.29 -31.49 5.84
N HIS B 29 -15.60 -30.22 5.57
CA HIS B 29 -15.45 -29.71 4.20
C HIS B 29 -14.38 -28.60 4.14
N SER B 30 -13.46 -28.81 3.20
CA SER B 30 -12.21 -28.12 3.02
C SER B 30 -12.34 -26.61 3.20
N ILE B 31 -11.37 -26.08 3.96
CA ILE B 31 -11.08 -24.67 4.03
C ILE B 31 -10.60 -24.17 2.66
N VAL B 32 -9.84 -25.01 1.94
CA VAL B 32 -9.23 -24.62 0.67
C VAL B 32 -9.64 -25.65 -0.38
N GLU B 33 -10.31 -25.19 -1.45
CA GLU B 33 -10.76 -26.07 -2.51
C GLU B 33 -10.07 -25.66 -3.80
N CYS B 34 -9.55 -26.68 -4.50
CA CYS B 34 -8.85 -26.55 -5.76
C CYS B 34 -9.67 -27.27 -6.84
N ASP B 35 -10.08 -26.53 -7.88
CA ASP B 35 -10.87 -27.03 -8.96
C ASP B 35 -10.07 -26.91 -10.25
N PRO B 36 -9.37 -27.98 -10.70
CA PRO B 36 -8.50 -27.87 -11.87
C PRO B 36 -9.29 -27.56 -13.14
N VAL B 37 -10.55 -28.00 -13.20
CA VAL B 37 -11.37 -27.85 -14.39
C VAL B 37 -11.74 -26.37 -14.55
N ARG B 38 -12.19 -25.74 -13.46
CA ARG B 38 -12.59 -24.31 -13.49
C ARG B 38 -11.38 -23.40 -13.23
N LYS B 39 -10.23 -23.98 -12.85
CA LYS B 39 -8.99 -23.24 -12.64
C LYS B 39 -9.19 -22.23 -11.50
N GLU B 40 -9.83 -22.71 -10.42
CA GLU B 40 -10.20 -21.88 -9.28
C GLU B 40 -9.64 -22.46 -7.99
N VAL B 41 -9.23 -21.58 -7.09
CA VAL B 41 -8.96 -21.89 -5.72
C VAL B 41 -9.98 -21.09 -4.90
N SER B 42 -10.65 -21.77 -3.99
CA SER B 42 -11.68 -21.19 -3.18
C SER B 42 -11.34 -21.43 -1.71
N VAL B 43 -11.33 -20.34 -0.93
CA VAL B 43 -10.89 -20.39 0.45
C VAL B 43 -12.03 -19.92 1.36
N ARG B 44 -12.45 -20.79 2.27
CA ARG B 44 -13.46 -20.49 3.27
C ARG B 44 -12.81 -19.63 4.36
N THR B 45 -13.13 -18.34 4.37
CA THR B 45 -12.66 -17.40 5.40
C THR B 45 -13.61 -17.48 6.60
N SER B 52 -19.87 -19.00 6.01
CA SER B 52 -20.29 -19.18 4.62
C SER B 52 -19.35 -18.45 3.65
N SER B 53 -18.69 -17.37 4.12
CA SER B 53 -17.83 -16.53 3.26
C SER B 53 -16.66 -17.33 2.67
N ARG B 54 -16.52 -17.22 1.34
CA ARG B 54 -15.46 -17.79 0.54
C ARG B 54 -14.86 -16.64 -0.29
N LYS B 55 -13.55 -16.63 -0.51
CA LYS B 55 -12.95 -15.89 -1.59
C LYS B 55 -12.46 -16.88 -2.66
N THR B 56 -12.83 -16.61 -3.92
CA THR B 56 -12.47 -17.47 -5.03
C THR B 56 -11.59 -16.67 -6.00
N TYR B 57 -10.54 -17.33 -6.49
CA TYR B 57 -9.55 -16.72 -7.37
C TYR B 57 -9.34 -17.65 -8.56
N THR B 58 -9.24 -17.08 -9.76
CA THR B 58 -9.09 -17.83 -10.99
C THR B 58 -7.64 -17.67 -11.41
N PHE B 59 -7.03 -18.75 -11.91
CA PHE B 59 -5.68 -18.75 -12.41
C PHE B 59 -5.63 -19.46 -13.75
N ASP B 60 -4.45 -19.47 -14.37
CA ASP B 60 -4.24 -20.12 -15.66
C ASP B 60 -4.32 -21.63 -15.49
N MET B 61 -3.77 -22.18 -14.38
CA MET B 61 -3.94 -23.58 -14.00
C MET B 61 -3.97 -23.70 -12.47
N VAL B 62 -4.59 -24.76 -11.98
CA VAL B 62 -4.70 -25.03 -10.56
C VAL B 62 -4.42 -26.52 -10.34
N PHE B 63 -3.57 -26.80 -9.37
CA PHE B 63 -3.13 -28.16 -9.07
C PHE B 63 -3.42 -28.44 -7.60
N GLY B 64 -4.37 -29.36 -7.35
CA GLY B 64 -4.76 -29.73 -5.99
C GLY B 64 -3.75 -30.64 -5.33
N ALA B 65 -4.01 -30.95 -4.06
CA ALA B 65 -3.14 -31.68 -3.13
C ALA B 65 -2.61 -32.99 -3.71
N SER B 66 -3.42 -33.66 -4.55
CA SER B 66 -3.06 -34.99 -5.07
C SER B 66 -2.14 -34.88 -6.29
N THR B 67 -1.93 -33.69 -6.85
CA THR B 67 -1.17 -33.53 -8.10
C THR B 67 0.25 -34.09 -7.90
N LYS B 68 0.65 -34.99 -8.80
CA LYS B 68 1.97 -35.61 -8.75
C LYS B 68 2.97 -34.77 -9.55
N GLN B 69 4.25 -34.98 -9.23
CA GLN B 69 5.36 -34.24 -9.81
C GLN B 69 5.29 -34.27 -11.33
N ILE B 70 4.97 -35.44 -11.89
CA ILE B 70 4.99 -35.65 -13.34
C ILE B 70 3.92 -34.80 -13.99
N ASP B 71 2.80 -34.62 -13.29
CA ASP B 71 1.66 -33.80 -13.78
C ASP B 71 2.05 -32.32 -13.87
N VAL B 72 2.78 -31.82 -12.86
CA VAL B 72 3.24 -30.43 -12.88
C VAL B 72 4.21 -30.26 -14.04
N TYR B 73 5.15 -31.19 -14.19
CA TYR B 73 6.12 -31.08 -15.23
C TYR B 73 5.41 -31.02 -16.59
N ARG B 74 4.46 -31.94 -16.83
CA ARG B 74 3.82 -32.10 -18.15
C ARG B 74 2.98 -30.87 -18.50
N SER B 75 2.23 -30.38 -17.53
CA SER B 75 1.31 -29.27 -17.74
C SER B 75 2.07 -27.94 -17.89
N VAL B 76 3.04 -27.68 -17.00
CA VAL B 76 3.68 -26.35 -16.91
C VAL B 76 4.95 -26.26 -17.76
N VAL B 77 5.80 -27.28 -17.69
CA VAL B 77 7.17 -27.14 -18.16
C VAL B 77 7.29 -27.55 -19.63
N CYS B 78 6.67 -28.67 -20.04
CA CYS B 78 6.85 -29.21 -21.39
C CYS B 78 6.65 -28.12 -22.40
N PRO B 79 5.53 -27.35 -22.38
CA PRO B 79 5.37 -26.24 -23.31
C PRO B 79 6.48 -25.18 -23.21
N ILE B 80 6.99 -24.95 -21.99
CA ILE B 80 8.04 -23.92 -21.80
C ILE B 80 9.35 -24.43 -22.41
N LEU B 81 9.63 -25.72 -22.24
CA LEU B 81 10.85 -26.28 -22.75
C LEU B 81 10.92 -26.10 -24.28
N ASP B 82 9.79 -26.30 -24.97
CA ASP B 82 9.68 -26.07 -26.42
C ASP B 82 10.01 -24.61 -26.78
N GLU B 83 9.55 -23.66 -25.96
CA GLU B 83 9.86 -22.26 -26.22
C GLU B 83 11.39 -22.06 -26.10
N VAL B 84 11.99 -22.75 -25.12
CA VAL B 84 13.41 -22.58 -24.82
C VAL B 84 14.21 -23.00 -26.05
N ILE B 85 13.80 -24.13 -26.62
CA ILE B 85 14.42 -24.74 -27.79
C ILE B 85 14.27 -23.85 -29.04
N MET B 86 13.21 -23.02 -29.13
CA MET B 86 13.08 -22.01 -30.21
C MET B 86 14.03 -20.83 -29.96
N GLY B 87 14.69 -20.79 -28.79
CA GLY B 87 15.60 -19.71 -28.43
C GLY B 87 14.92 -18.58 -27.66
N TYR B 88 13.77 -18.86 -27.03
CA TYR B 88 13.20 -17.91 -26.09
C TYR B 88 13.90 -18.07 -24.73
N ASN B 89 14.07 -16.94 -24.02
CA ASN B 89 14.40 -16.94 -22.61
C ASN B 89 13.11 -17.14 -21.80
N CYS B 90 13.12 -18.16 -20.93
CA CYS B 90 11.98 -18.47 -20.06
C CYS B 90 12.41 -18.58 -18.58
N THR B 91 11.51 -18.14 -17.70
CA THR B 91 11.67 -18.18 -16.26
C THR B 91 10.39 -18.74 -15.61
N ILE B 92 10.58 -19.73 -14.74
CA ILE B 92 9.55 -20.22 -13.83
C ILE B 92 9.99 -19.90 -12.40
N PHE B 93 9.21 -19.13 -11.65
CA PHE B 93 9.51 -19.05 -10.24
C PHE B 93 8.38 -19.61 -9.36
N ALA B 94 8.82 -20.13 -8.20
CA ALA B 94 7.97 -20.66 -7.14
C ALA B 94 7.88 -19.60 -6.03
N TYR B 95 6.65 -19.23 -5.68
CA TYR B 95 6.39 -18.22 -4.69
C TYR B 95 5.38 -18.77 -3.67
N GLY B 96 5.60 -18.49 -2.39
CA GLY B 96 4.73 -18.96 -1.33
C GLY B 96 5.44 -19.10 0.01
N GLN B 97 4.65 -19.42 1.02
CA GLN B 97 5.08 -19.53 2.42
C GLN B 97 6.03 -20.72 2.57
N THR B 98 7.09 -20.54 3.37
CA THR B 98 7.94 -21.62 3.82
C THR B 98 7.05 -22.80 4.29
N GLY B 99 7.33 -23.99 3.76
CA GLY B 99 6.61 -25.18 4.10
C GLY B 99 5.56 -25.60 3.06
N THR B 100 5.30 -24.78 2.04
CA THR B 100 4.21 -25.02 1.12
C THR B 100 4.66 -25.81 -0.12
N GLY B 101 5.96 -25.87 -0.41
CA GLY B 101 6.45 -26.82 -1.43
C GLY B 101 7.11 -26.15 -2.64
N LYS B 102 7.69 -24.96 -2.47
CA LYS B 102 8.52 -24.32 -3.50
C LYS B 102 9.66 -25.25 -3.89
N THR B 103 10.41 -25.78 -2.92
CA THR B 103 11.60 -26.59 -3.25
C THR B 103 11.16 -27.96 -3.76
N PHE B 104 10.09 -28.52 -3.17
CA PHE B 104 9.49 -29.78 -3.63
C PHE B 104 9.09 -29.64 -5.11
N THR B 105 8.50 -28.49 -5.46
CA THR B 105 8.09 -28.26 -6.83
C THR B 105 9.30 -28.08 -7.74
N MET B 106 10.26 -27.22 -7.34
CA MET B 106 11.32 -26.77 -8.28
C MET B 106 12.44 -27.83 -8.40
N GLU B 107 12.80 -28.49 -7.29
CA GLU B 107 13.87 -29.51 -7.23
C GLU B 107 13.27 -30.92 -7.07
N GLY B 108 12.37 -31.04 -6.09
CA GLY B 108 11.86 -32.33 -5.61
C GLY B 108 12.74 -32.87 -4.50
N GLU B 109 12.54 -34.15 -4.19
CA GLU B 109 13.28 -34.83 -3.18
C GLU B 109 13.74 -36.18 -3.75
N ARG B 110 14.74 -36.76 -3.08
CA ARG B 110 15.31 -38.04 -3.43
C ARG B 110 14.63 -39.09 -2.55
N SER B 111 14.00 -40.09 -3.19
CA SER B 111 13.41 -41.24 -2.48
C SER B 111 14.52 -42.05 -1.78
N PRO B 112 14.24 -42.64 -0.59
CA PRO B 112 15.25 -43.40 0.15
C PRO B 112 15.51 -44.81 -0.43
N ASN B 113 16.54 -45.46 0.11
CA ASN B 113 16.92 -46.86 -0.17
C ASN B 113 17.49 -47.02 -1.59
N GLU B 114 17.61 -45.91 -2.34
CA GLU B 114 17.81 -45.92 -3.79
C GLU B 114 16.90 -46.97 -4.43
N GLU B 115 15.60 -46.83 -4.13
CA GLU B 115 14.54 -47.64 -4.70
C GLU B 115 14.33 -47.25 -6.16
N TYR B 116 14.81 -46.05 -6.53
CA TYR B 116 14.66 -45.53 -7.88
C TYR B 116 15.97 -44.87 -8.33
N THR B 117 16.21 -44.94 -9.64
CA THR B 117 17.15 -44.07 -10.30
C THR B 117 16.58 -42.65 -10.27
N TRP B 118 17.46 -41.66 -10.41
CA TRP B 118 17.10 -40.25 -10.34
C TRP B 118 16.12 -39.88 -11.46
N GLU B 119 16.16 -40.63 -12.57
CA GLU B 119 15.33 -40.35 -13.74
C GLU B 119 13.87 -40.80 -13.52
N GLU B 120 13.69 -41.75 -12.61
CA GLU B 120 12.39 -42.38 -12.40
C GLU B 120 11.90 -42.14 -10.97
N ASP B 121 12.60 -41.28 -10.21
CA ASP B 121 12.19 -40.96 -8.84
C ASP B 121 10.88 -40.17 -8.93
N PRO B 122 9.75 -40.70 -8.41
CA PRO B 122 8.48 -39.98 -8.49
C PRO B 122 8.44 -38.67 -7.65
N LEU B 123 9.40 -38.50 -6.73
CA LEU B 123 9.54 -37.29 -5.94
C LEU B 123 10.42 -36.26 -6.67
N ALA B 124 11.08 -36.63 -7.77
CA ALA B 124 11.88 -35.68 -8.52
C ALA B 124 10.97 -34.57 -9.03
N GLY B 125 11.53 -33.35 -9.13
CA GLY B 125 10.79 -32.15 -9.52
C GLY B 125 11.27 -31.59 -10.85
N ILE B 126 11.04 -30.30 -11.06
CA ILE B 126 11.13 -29.70 -12.39
C ILE B 126 12.56 -29.74 -12.93
N ILE B 127 13.55 -29.35 -12.11
CA ILE B 127 14.96 -29.24 -12.54
C ILE B 127 15.46 -30.59 -13.06
N PRO B 128 15.45 -31.69 -12.28
CA PRO B 128 15.92 -32.99 -12.79
C PRO B 128 15.14 -33.48 -14.02
N ARG B 129 13.81 -33.31 -14.05
CA ARG B 129 13.01 -33.76 -15.18
C ARG B 129 13.34 -32.96 -16.44
N THR B 130 13.49 -31.64 -16.29
CA THR B 130 13.80 -30.77 -17.41
C THR B 130 15.14 -31.16 -18.05
N LEU B 131 16.14 -31.44 -17.20
CA LEU B 131 17.49 -31.70 -17.69
C LEU B 131 17.49 -33.00 -18.51
N HIS B 132 16.85 -34.03 -17.97
CA HIS B 132 16.65 -35.34 -18.62
C HIS B 132 16.00 -35.18 -20.00
N GLN B 133 14.93 -34.38 -20.09
CA GLN B 133 14.14 -34.24 -21.30
C GLN B 133 14.90 -33.42 -22.36
N ILE B 134 15.75 -32.48 -21.93
CA ILE B 134 16.50 -31.65 -22.87
C ILE B 134 17.29 -32.56 -23.83
N PHE B 135 17.93 -33.58 -23.25
CA PHE B 135 18.77 -34.53 -23.97
C PHE B 135 17.90 -35.45 -24.83
N GLU B 136 16.82 -35.97 -24.26
CA GLU B 136 15.86 -36.81 -25.01
C GLU B 136 15.42 -36.07 -26.28
N LYS B 137 14.99 -34.81 -26.12
CA LYS B 137 14.42 -34.02 -27.22
C LYS B 137 15.49 -33.62 -28.25
N LEU B 138 16.61 -33.06 -27.82
CA LEU B 138 17.59 -32.45 -28.74
C LEU B 138 18.46 -33.50 -29.46
N THR B 139 18.58 -34.70 -28.89
CA THR B 139 19.36 -35.79 -29.50
C THR B 139 18.66 -36.31 -30.77
N ASP B 140 17.34 -36.54 -30.69
CA ASP B 140 16.55 -37.05 -31.85
C ASP B 140 15.92 -35.88 -32.63
N ASN B 141 16.26 -34.64 -32.26
CA ASN B 141 16.00 -33.45 -33.08
C ASN B 141 17.10 -33.33 -34.14
N GLY B 142 18.29 -33.87 -33.84
CA GLY B 142 19.38 -33.98 -34.81
C GLY B 142 20.34 -32.79 -34.83
N THR B 143 19.97 -31.64 -34.25
CA THR B 143 20.74 -30.36 -34.38
C THR B 143 21.91 -30.34 -33.39
N GLU B 144 22.96 -29.57 -33.75
CA GLU B 144 24.15 -29.33 -32.93
C GLU B 144 23.81 -28.43 -31.74
N PHE B 145 24.08 -28.92 -30.52
CA PHE B 145 23.66 -28.26 -29.30
C PHE B 145 24.65 -28.53 -28.17
N SER B 146 24.71 -27.58 -27.22
CA SER B 146 25.40 -27.74 -25.96
C SER B 146 24.52 -27.18 -24.84
N VAL B 147 24.65 -27.78 -23.66
CA VAL B 147 23.89 -27.47 -22.46
C VAL B 147 24.88 -27.11 -21.35
N LYS B 148 24.70 -25.94 -20.71
CA LYS B 148 25.45 -25.59 -19.51
C LYS B 148 24.50 -25.12 -18.40
N VAL B 149 24.87 -25.40 -17.15
CA VAL B 149 24.03 -25.11 -15.98
C VAL B 149 24.81 -24.25 -14.97
N SER B 150 24.07 -23.41 -14.23
CA SER B 150 24.62 -22.74 -13.08
C SER B 150 23.58 -22.79 -11.95
N LEU B 151 24.07 -22.81 -10.71
CA LEU B 151 23.26 -22.71 -9.50
C LEU B 151 23.82 -21.60 -8.60
N LEU B 152 23.08 -20.50 -8.59
CA LEU B 152 23.38 -19.32 -7.83
C LEU B 152 22.34 -19.17 -6.72
N GLU B 153 22.76 -18.81 -5.51
CA GLU B 153 21.77 -18.51 -4.45
C GLU B 153 22.07 -17.11 -3.87
N ILE B 154 20.97 -16.44 -3.47
CA ILE B 154 21.01 -15.11 -2.92
C ILE B 154 20.54 -15.20 -1.47
N TYR B 155 21.36 -14.67 -0.55
CA TYR B 155 21.03 -14.55 0.84
C TYR B 155 21.64 -13.25 1.36
N ASN B 156 20.81 -12.39 1.94
CA ASN B 156 21.32 -11.17 2.55
C ASN B 156 22.08 -10.37 1.47
N GLU B 157 21.49 -10.32 0.27
CA GLU B 157 21.99 -9.62 -0.91
C GLU B 157 23.43 -10.01 -1.27
N GLU B 158 23.82 -11.25 -0.95
CA GLU B 158 25.11 -11.80 -1.30
C GLU B 158 24.86 -13.01 -2.20
N LEU B 159 25.84 -13.32 -3.06
CA LEU B 159 25.70 -14.27 -4.14
C LEU B 159 26.61 -15.47 -3.87
N PHE B 160 26.00 -16.65 -3.75
CA PHE B 160 26.72 -17.89 -3.47
C PHE B 160 26.62 -18.78 -4.70
N ASP B 161 27.76 -19.32 -5.13
CA ASP B 161 27.86 -20.26 -6.25
C ASP B 161 27.93 -21.67 -5.68
N LEU B 162 26.91 -22.51 -5.90
CA LEU B 162 26.91 -23.84 -5.29
C LEU B 162 27.54 -24.92 -6.21
N LEU B 163 27.99 -24.56 -7.41
CA LEU B 163 28.57 -25.55 -8.33
C LEU B 163 30.08 -25.34 -8.45
N ASN B 164 30.62 -24.20 -8.03
CA ASN B 164 32.07 -23.99 -8.14
C ASN B 164 32.78 -25.02 -7.27
N PRO B 165 33.52 -26.00 -7.85
CA PRO B 165 34.16 -27.06 -7.05
C PRO B 165 35.37 -26.54 -6.25
N SER B 166 35.81 -25.34 -6.62
CA SER B 166 37.10 -24.81 -6.41
C SER B 166 37.05 -23.74 -5.29
N SER B 167 35.84 -23.27 -4.96
CA SER B 167 35.70 -22.24 -3.92
C SER B 167 34.85 -22.76 -2.76
N ASP B 168 35.26 -22.33 -1.56
CA ASP B 168 34.55 -22.38 -0.31
C ASP B 168 33.18 -21.73 -0.53
N VAL B 169 32.17 -22.17 0.21
CA VAL B 169 30.82 -21.64 0.02
C VAL B 169 30.76 -20.19 0.54
N SER B 170 31.65 -19.84 1.48
CA SER B 170 31.77 -18.51 2.05
C SER B 170 32.36 -17.49 1.06
N GLU B 171 32.88 -17.93 -0.09
CA GLU B 171 33.44 -17.00 -1.15
C GLU B 171 32.30 -16.51 -2.07
N ARG B 172 31.84 -15.28 -1.85
CA ARG B 172 30.68 -14.69 -2.51
C ARG B 172 31.07 -14.03 -3.84
N LEU B 173 30.13 -13.87 -4.77
CA LEU B 173 30.42 -13.27 -6.09
C LEU B 173 29.92 -11.82 -6.21
N GLN B 174 30.32 -11.17 -7.31
CA GLN B 174 29.91 -9.82 -7.68
C GLN B 174 29.14 -9.87 -9.01
N MET B 175 28.31 -8.84 -9.18
CA MET B 175 27.38 -8.70 -10.26
C MET B 175 27.67 -7.36 -10.96
N PHE B 176 27.62 -7.33 -12.30
CA PHE B 176 27.77 -6.07 -13.03
C PHE B 176 26.90 -6.11 -14.29
N ASP B 177 26.57 -4.93 -14.81
CA ASP B 177 25.62 -4.81 -15.91
C ASP B 177 26.26 -5.43 -17.15
N ASP B 178 25.46 -6.16 -17.93
CA ASP B 178 25.93 -6.85 -19.12
C ASP B 178 26.06 -5.82 -20.25
N PRO B 179 27.26 -5.57 -20.80
CA PRO B 179 27.42 -4.63 -21.91
C PRO B 179 26.60 -5.04 -23.14
N ARG B 180 26.20 -6.33 -23.21
CA ARG B 180 25.50 -6.91 -24.36
C ARG B 180 24.01 -7.13 -24.08
N ASN B 181 23.49 -6.68 -22.93
CA ASN B 181 22.05 -6.84 -22.59
C ASN B 181 21.60 -5.78 -21.58
N LYS B 182 20.96 -4.74 -22.11
CA LYS B 182 20.42 -3.59 -21.38
C LYS B 182 19.65 -4.01 -20.11
N ARG B 183 19.10 -5.22 -20.08
CA ARG B 183 18.21 -5.63 -18.98
C ARG B 183 18.77 -6.81 -18.19
N GLY B 184 20.07 -7.10 -18.38
CA GLY B 184 20.71 -8.29 -17.78
C GLY B 184 22.01 -7.98 -17.06
N VAL B 185 22.52 -9.00 -16.37
CA VAL B 185 23.74 -8.86 -15.57
C VAL B 185 24.66 -10.07 -15.86
N ILE B 186 25.95 -9.90 -15.56
CA ILE B 186 26.87 -10.98 -15.53
C ILE B 186 27.32 -11.18 -14.08
N ILE B 187 27.31 -12.44 -13.63
CA ILE B 187 27.77 -12.83 -12.36
C ILE B 187 29.24 -13.23 -12.55
N LYS B 188 30.18 -12.37 -12.13
CA LYS B 188 31.59 -12.57 -12.40
C LYS B 188 32.06 -13.84 -11.68
N GLY B 189 32.61 -14.78 -12.44
CA GLY B 189 33.21 -15.96 -11.89
C GLY B 189 32.19 -17.04 -11.58
N LEU B 190 30.92 -16.85 -12.00
CA LEU B 190 29.88 -17.89 -11.82
C LEU B 190 30.26 -19.16 -12.59
N GLU B 191 30.27 -20.29 -11.89
CA GLU B 191 30.60 -21.58 -12.49
C GLU B 191 29.48 -21.98 -13.44
N GLU B 192 29.83 -22.18 -14.71
CA GLU B 192 28.92 -22.70 -15.73
C GLU B 192 29.45 -24.05 -16.18
N ILE B 193 28.72 -25.11 -15.85
CA ILE B 193 29.16 -26.48 -16.11
C ILE B 193 28.49 -26.98 -17.39
N THR B 194 29.30 -27.37 -18.39
CA THR B 194 28.81 -28.03 -19.60
C THR B 194 28.39 -29.46 -19.22
N VAL B 195 27.12 -29.78 -19.50
CA VAL B 195 26.57 -31.10 -19.36
C VAL B 195 26.55 -31.74 -20.74
N HIS B 196 27.38 -32.76 -20.92
CA HIS B 196 27.65 -33.38 -22.24
C HIS B 196 26.52 -34.34 -22.62
N ASN B 197 25.97 -35.00 -21.60
CA ASN B 197 24.87 -35.95 -21.71
C ASN B 197 24.21 -36.08 -20.33
N LYS B 198 23.08 -36.80 -20.30
CA LYS B 198 22.22 -36.91 -19.13
C LYS B 198 22.92 -37.66 -17.98
N ASP B 199 23.89 -38.52 -18.32
CA ASP B 199 24.60 -39.32 -17.31
C ASP B 199 25.58 -38.43 -16.52
N GLU B 200 25.72 -37.14 -16.90
CA GLU B 200 26.53 -36.20 -16.12
C GLU B 200 25.67 -35.34 -15.18
N VAL B 201 24.33 -35.47 -15.24
CA VAL B 201 23.40 -34.53 -14.64
C VAL B 201 23.40 -34.68 -13.11
N TYR B 202 23.31 -35.93 -12.65
CA TYR B 202 23.03 -36.23 -11.26
C TYR B 202 24.11 -35.72 -10.32
N GLN B 203 25.37 -35.92 -10.72
CA GLN B 203 26.55 -35.62 -9.92
C GLN B 203 26.62 -34.10 -9.71
N ILE B 204 26.18 -33.34 -10.71
CA ILE B 204 26.13 -31.88 -10.61
C ILE B 204 25.09 -31.48 -9.55
N LEU B 205 23.87 -32.02 -9.66
CA LEU B 205 22.79 -31.69 -8.76
C LEU B 205 23.20 -32.08 -7.32
N GLU B 206 23.87 -33.22 -7.20
CA GLU B 206 24.38 -33.74 -5.92
C GLU B 206 25.38 -32.75 -5.29
N LYS B 207 26.33 -32.25 -6.09
CA LYS B 207 27.35 -31.34 -5.61
C LYS B 207 26.71 -30.04 -5.12
N GLY B 208 25.70 -29.56 -5.88
CA GLY B 208 24.93 -28.39 -5.51
C GLY B 208 24.24 -28.56 -4.17
N ALA B 209 23.55 -29.68 -3.97
CA ALA B 209 22.79 -29.95 -2.74
C ALA B 209 23.76 -30.08 -1.56
N ALA B 210 24.90 -30.72 -1.76
CA ALA B 210 25.85 -30.91 -0.66
C ALA B 210 26.40 -29.56 -0.21
N LYS B 211 26.76 -28.72 -1.18
CA LYS B 211 27.40 -27.46 -0.89
C LYS B 211 26.39 -26.52 -0.19
N ARG B 212 25.11 -26.63 -0.58
CA ARG B 212 24.04 -25.86 0.04
C ARG B 212 23.96 -26.18 1.55
N THR B 213 24.12 -27.46 1.88
CA THR B 213 24.08 -27.91 3.28
C THR B 213 25.17 -27.14 4.05
N THR B 214 26.36 -27.03 3.46
CA THR B 214 27.45 -26.28 4.09
C THR B 214 27.03 -24.83 4.31
N ALA B 215 26.38 -24.21 3.32
CA ALA B 215 25.92 -22.82 3.43
C ALA B 215 24.91 -22.66 4.58
N ALA B 216 24.05 -23.66 4.77
CA ALA B 216 23.03 -23.62 5.77
C ALA B 216 23.64 -23.58 7.19
N THR B 217 24.80 -24.21 7.37
CA THR B 217 25.48 -24.18 8.67
C THR B 217 26.05 -22.79 8.98
N LEU B 218 26.27 -21.94 7.97
CA LEU B 218 26.93 -20.65 8.17
C LEU B 218 25.93 -19.52 8.38
N MET B 219 24.69 -19.70 7.96
CA MET B 219 23.77 -18.55 7.87
C MET B 219 22.41 -18.89 8.52
N ASN B 220 21.81 -17.91 9.20
CA ASN B 220 20.57 -18.16 9.95
C ASN B 220 19.40 -18.37 9.00
N ALA B 221 18.68 -19.49 9.21
CA ALA B 221 17.45 -19.79 8.49
C ALA B 221 17.68 -19.71 6.97
N TYR B 222 18.75 -20.34 6.49
CA TYR B 222 19.24 -20.19 5.14
C TYR B 222 18.23 -20.66 4.09
N SER B 223 17.64 -21.85 4.28
CA SER B 223 16.66 -22.44 3.42
C SER B 223 15.51 -21.48 3.09
N SER B 224 14.96 -20.87 4.13
CA SER B 224 13.72 -20.12 3.98
C SER B 224 13.97 -18.68 3.51
N ARG B 225 15.14 -18.10 3.82
CA ARG B 225 15.46 -16.73 3.48
C ARG B 225 16.24 -16.60 2.16
N SER B 226 16.77 -17.71 1.63
CA SER B 226 17.49 -17.69 0.41
C SER B 226 16.55 -17.79 -0.78
N HIS B 227 16.99 -17.20 -1.89
CA HIS B 227 16.47 -17.40 -3.25
C HIS B 227 17.47 -18.29 -4.01
N SER B 228 16.95 -19.32 -4.68
CA SER B 228 17.77 -20.23 -5.47
C SER B 228 17.47 -19.98 -6.95
N VAL B 229 18.53 -19.77 -7.75
CA VAL B 229 18.40 -19.56 -9.17
C VAL B 229 19.17 -20.65 -9.92
N PHE B 230 18.44 -21.61 -10.50
CA PHE B 230 19.03 -22.62 -11.38
C PHE B 230 18.83 -22.24 -12.84
N SER B 231 19.95 -22.07 -13.59
CA SER B 231 19.95 -21.59 -14.99
C SER B 231 20.43 -22.71 -15.91
N VAL B 232 19.65 -23.04 -16.94
CA VAL B 232 20.09 -23.98 -17.96
C VAL B 232 20.07 -23.25 -19.30
N THR B 233 21.24 -23.20 -19.95
CA THR B 233 21.44 -22.50 -21.21
C THR B 233 21.72 -23.54 -22.30
N ILE B 234 20.95 -23.45 -23.41
CA ILE B 234 21.08 -24.33 -24.58
C ILE B 234 21.49 -23.46 -25.78
N HIS B 235 22.73 -23.68 -26.26
CA HIS B 235 23.21 -23.13 -27.51
C HIS B 235 22.89 -24.15 -28.61
N MET B 236 22.23 -23.68 -29.65
CA MET B 236 21.85 -24.51 -30.78
C MET B 236 22.31 -23.80 -32.06
N LYS B 237 23.09 -24.50 -32.87
CA LYS B 237 23.70 -23.88 -34.04
C LYS B 237 23.20 -24.59 -35.31
N GLU B 238 22.88 -23.78 -36.32
CA GLU B 238 22.21 -24.22 -37.53
C GLU B 238 22.91 -23.56 -38.71
N THR B 239 23.09 -24.31 -39.80
CA THR B 239 23.69 -23.76 -41.03
C THR B 239 22.53 -23.24 -41.91
N THR B 240 22.70 -22.02 -42.42
CA THR B 240 21.72 -21.41 -43.31
C THR B 240 22.00 -21.83 -44.76
N ILE B 241 20.95 -21.72 -45.59
CA ILE B 241 20.99 -22.05 -47.01
C ILE B 241 22.04 -21.20 -47.73
N ASP B 242 22.28 -19.97 -47.25
CA ASP B 242 23.30 -19.08 -47.84
C ASP B 242 24.70 -19.37 -47.27
N GLY B 243 24.80 -20.38 -46.39
CA GLY B 243 26.08 -20.88 -45.89
C GLY B 243 26.62 -20.11 -44.69
N GLU B 244 25.72 -19.48 -43.92
CA GLU B 244 26.06 -18.78 -42.68
C GLU B 244 25.71 -19.65 -41.46
N GLU B 245 26.34 -19.33 -40.33
CA GLU B 245 26.15 -19.97 -39.03
C GLU B 245 25.07 -19.19 -38.26
N LEU B 246 23.97 -19.88 -37.92
CA LEU B 246 22.91 -19.29 -37.09
C LEU B 246 22.93 -19.96 -35.71
N VAL B 247 23.05 -19.14 -34.65
CA VAL B 247 23.13 -19.63 -33.27
C VAL B 247 21.86 -19.16 -32.54
N LYS B 248 21.04 -20.09 -32.05
CA LYS B 248 19.99 -19.66 -31.12
C LYS B 248 20.32 -20.16 -29.72
N ILE B 249 20.04 -19.26 -28.77
CA ILE B 249 20.41 -19.43 -27.39
C ILE B 249 19.12 -19.42 -26.56
N GLY B 250 18.77 -20.58 -26.00
CA GLY B 250 17.60 -20.71 -25.13
C GLY B 250 18.06 -20.80 -23.70
N LYS B 251 17.51 -19.94 -22.81
CA LYS B 251 17.87 -19.92 -21.40
C LYS B 251 16.63 -20.14 -20.53
N LEU B 252 16.70 -21.12 -19.63
CA LEU B 252 15.65 -21.41 -18.66
C LEU B 252 16.17 -21.15 -17.24
N ASN B 253 15.53 -20.19 -16.56
CA ASN B 253 15.75 -19.88 -15.16
C ASN B 253 14.64 -20.53 -14.32
N LEU B 254 15.03 -21.46 -13.45
CA LEU B 254 14.13 -22.08 -12.52
C LEU B 254 14.46 -21.55 -11.12
N VAL B 255 13.56 -20.74 -10.58
CA VAL B 255 13.82 -19.89 -9.42
C VAL B 255 12.93 -20.34 -8.26
N ASP B 256 13.57 -20.63 -7.13
CA ASP B 256 12.93 -21.07 -5.89
C ASP B 256 13.07 -19.91 -4.91
N LEU B 257 12.03 -19.07 -4.78
CA LEU B 257 12.14 -17.80 -4.01
C LEU B 257 12.18 -18.06 -2.50
N ALA B 258 12.74 -17.09 -1.77
CA ALA B 258 12.61 -16.97 -0.32
C ALA B 258 11.13 -17.08 0.04
N GLY B 259 10.87 -17.64 1.22
CA GLY B 259 9.55 -17.74 1.76
C GLY B 259 8.85 -16.39 1.86
N SER B 260 7.61 -16.35 1.39
CA SER B 260 6.82 -15.11 1.25
C SER B 260 6.57 -14.43 2.60
N GLU B 261 6.58 -15.22 3.69
CA GLU B 261 6.23 -14.74 5.04
C GLU B 261 7.33 -13.82 5.63
N ASN B 262 8.49 -13.70 4.96
CA ASN B 262 9.68 -12.99 5.50
C ASN B 262 9.57 -11.46 5.37
N ASN B 278 18.81 -5.68 5.03
CA ASN B 278 19.24 -6.39 3.79
C ASN B 278 18.74 -7.84 3.73
N ILE B 279 18.29 -8.41 4.84
CA ILE B 279 17.99 -9.84 4.81
C ILE B 279 16.84 -10.13 3.82
N ASN B 280 15.87 -9.22 3.74
CA ASN B 280 14.68 -9.44 2.93
C ASN B 280 14.57 -8.41 1.79
N GLN B 281 15.67 -7.69 1.52
CA GLN B 281 15.73 -6.66 0.45
C GLN B 281 15.27 -7.23 -0.90
N SER B 282 15.76 -8.40 -1.32
CA SER B 282 15.38 -8.94 -2.60
C SER B 282 13.86 -9.24 -2.64
N LEU B 283 13.32 -9.89 -1.61
CA LEU B 283 11.88 -10.27 -1.55
C LEU B 283 11.01 -8.99 -1.55
N LEU B 284 11.36 -8.03 -0.68
CA LEU B 284 10.72 -6.72 -0.67
C LEU B 284 10.69 -6.07 -2.06
N THR B 285 11.86 -5.93 -2.69
CA THR B 285 11.98 -5.22 -3.95
C THR B 285 11.20 -5.94 -5.06
N LEU B 286 11.19 -7.27 -5.05
CA LEU B 286 10.36 -8.06 -5.99
C LEU B 286 8.90 -7.63 -5.89
N GLY B 287 8.42 -7.48 -4.65
CA GLY B 287 7.08 -6.94 -4.33
C GLY B 287 6.84 -5.59 -4.98
N ARG B 288 7.76 -4.65 -4.76
CA ARG B 288 7.65 -3.29 -5.27
C ARG B 288 7.74 -3.29 -6.79
N VAL B 289 8.55 -4.20 -7.36
CA VAL B 289 8.67 -4.29 -8.80
C VAL B 289 7.33 -4.75 -9.39
N ILE B 290 6.73 -5.78 -8.80
CA ILE B 290 5.47 -6.33 -9.30
C ILE B 290 4.38 -5.24 -9.20
N THR B 291 4.32 -4.55 -8.04
CA THR B 291 3.37 -3.48 -7.81
C THR B 291 3.56 -2.40 -8.90
N ALA B 292 4.81 -1.96 -9.11
CA ALA B 292 5.10 -0.90 -10.08
C ALA B 292 4.65 -1.32 -11.49
N LEU B 293 4.84 -2.58 -11.88
CA LEU B 293 4.46 -3.04 -13.20
C LEU B 293 2.93 -3.07 -13.36
N VAL B 294 2.18 -3.56 -12.35
CA VAL B 294 0.72 -3.72 -12.52
C VAL B 294 0.04 -2.35 -12.45
N GLU B 295 0.54 -1.41 -11.64
CA GLU B 295 -0.04 -0.08 -11.48
C GLU B 295 0.55 0.88 -12.53
N ARG B 296 1.29 0.33 -13.51
CA ARG B 296 1.86 1.05 -14.63
C ARG B 296 2.61 2.29 -14.13
N THR B 297 3.16 2.24 -12.89
CA THR B 297 3.97 3.36 -12.38
C THR B 297 5.24 3.41 -13.21
N PRO B 298 5.85 4.60 -13.39
CA PRO B 298 6.84 4.82 -14.44
C PRO B 298 8.26 4.37 -14.05
N HIS B 299 8.55 4.30 -12.75
CA HIS B 299 9.84 3.78 -12.27
C HIS B 299 9.65 2.40 -11.64
N VAL B 300 10.23 1.38 -12.29
CA VAL B 300 10.33 0.02 -11.76
C VAL B 300 11.71 -0.11 -11.12
N PRO B 301 11.80 -0.29 -9.78
CA PRO B 301 13.11 -0.37 -9.11
C PRO B 301 13.83 -1.73 -9.17
N TYR B 302 14.00 -2.27 -10.37
CA TYR B 302 14.77 -3.47 -10.64
C TYR B 302 16.16 -3.40 -9.97
N ARG B 303 16.77 -2.21 -10.02
CA ARG B 303 18.15 -2.01 -9.63
C ARG B 303 18.33 -2.13 -8.10
N GLU B 304 17.24 -2.06 -7.32
CA GLU B 304 17.33 -1.94 -5.86
C GLU B 304 17.50 -3.29 -5.12
N SER B 305 17.64 -4.43 -5.83
CA SER B 305 17.99 -5.70 -5.20
C SER B 305 18.67 -6.64 -6.21
N LYS B 306 19.44 -7.60 -5.69
CA LYS B 306 20.17 -8.53 -6.53
C LYS B 306 19.21 -9.40 -7.34
N LEU B 307 18.16 -9.93 -6.69
CA LEU B 307 17.17 -10.79 -7.39
C LEU B 307 16.51 -10.07 -8.58
N THR B 308 16.06 -8.82 -8.39
CA THR B 308 15.32 -8.10 -9.42
C THR B 308 16.30 -7.60 -10.50
N ARG B 309 17.59 -7.44 -10.17
CA ARG B 309 18.58 -7.16 -11.22
C ARG B 309 18.71 -8.42 -12.10
N ILE B 310 18.78 -9.59 -11.43
CA ILE B 310 19.01 -10.83 -12.17
C ILE B 310 17.76 -11.18 -12.99
N LEU B 311 16.57 -10.85 -12.50
CA LEU B 311 15.32 -11.24 -13.15
C LEU B 311 14.62 -10.06 -13.82
N GLN B 312 15.31 -8.93 -14.06
CA GLN B 312 14.70 -7.75 -14.70
C GLN B 312 13.94 -8.20 -15.95
N ASP B 313 14.56 -9.08 -16.74
CA ASP B 313 14.04 -9.36 -18.05
C ASP B 313 12.79 -10.25 -17.94
N SER B 314 12.69 -11.03 -16.85
CA SER B 314 11.59 -11.93 -16.56
C SER B 314 10.31 -11.18 -16.14
N LEU B 315 10.47 -9.89 -15.77
CA LEU B 315 9.44 -9.07 -15.11
C LEU B 315 9.23 -7.79 -15.93
N GLY B 316 8.41 -7.95 -16.99
CA GLY B 316 8.01 -6.87 -17.89
C GLY B 316 8.94 -6.75 -19.08
N GLY B 317 9.76 -7.76 -19.35
CA GLY B 317 10.78 -7.68 -20.41
C GLY B 317 10.55 -8.73 -21.48
N ARG B 318 11.64 -9.32 -21.97
CA ARG B 318 11.65 -10.12 -23.20
C ARG B 318 11.71 -11.62 -22.88
N THR B 319 11.25 -12.01 -21.69
CA THR B 319 11.23 -13.40 -21.23
C THR B 319 9.78 -13.91 -21.15
N ARG B 320 9.57 -15.21 -21.38
CA ARG B 320 8.30 -15.85 -21.10
C ARG B 320 8.33 -16.37 -19.66
N THR B 321 7.50 -15.78 -18.79
CA THR B 321 7.58 -16.06 -17.36
C THR B 321 6.31 -16.76 -16.86
N SER B 322 6.50 -17.75 -16.00
CA SER B 322 5.43 -18.38 -15.23
C SER B 322 5.73 -18.29 -13.73
N ILE B 323 4.68 -18.15 -12.94
CA ILE B 323 4.74 -18.24 -11.49
C ILE B 323 3.90 -19.45 -11.05
N ILE B 324 4.54 -20.32 -10.26
CA ILE B 324 3.88 -21.37 -9.48
C ILE B 324 3.77 -20.88 -8.04
N ALA B 325 2.55 -20.50 -7.67
CA ALA B 325 2.23 -20.08 -6.30
C ALA B 325 1.89 -21.31 -5.45
N THR B 326 2.61 -21.51 -4.34
CA THR B 326 2.38 -22.71 -3.50
C THR B 326 1.67 -22.31 -2.22
N ILE B 327 0.68 -23.12 -1.82
CA ILE B 327 -0.20 -22.79 -0.68
C ILE B 327 -0.47 -24.02 0.18
N SER B 328 -0.92 -23.76 1.42
CA SER B 328 -1.31 -24.75 2.38
C SER B 328 -2.84 -24.89 2.33
N PRO B 329 -3.40 -26.07 2.67
CA PRO B 329 -4.84 -26.23 2.81
C PRO B 329 -5.40 -25.94 4.20
N ALA B 330 -4.56 -25.48 5.12
CA ALA B 330 -4.87 -25.60 6.53
C ALA B 330 -5.19 -24.23 7.11
N SER B 331 -6.01 -24.29 8.14
CA SER B 331 -6.45 -23.13 8.85
C SER B 331 -5.26 -22.44 9.52
N LEU B 332 -4.28 -23.22 9.99
CA LEU B 332 -3.09 -22.68 10.64
C LEU B 332 -2.42 -21.65 9.70
N ASN B 333 -2.42 -21.90 8.39
CA ASN B 333 -1.61 -21.15 7.44
C ASN B 333 -2.49 -20.37 6.47
N LEU B 334 -3.71 -20.04 6.93
CA LEU B 334 -4.75 -19.46 6.08
C LEU B 334 -4.36 -18.05 5.64
N GLU B 335 -3.83 -17.25 6.56
CA GLU B 335 -3.53 -15.84 6.29
C GLU B 335 -2.45 -15.75 5.19
N GLU B 336 -1.40 -16.55 5.33
CA GLU B 336 -0.32 -16.58 4.37
C GLU B 336 -0.83 -17.13 3.05
N THR B 337 -1.71 -18.14 3.09
CA THR B 337 -2.30 -18.70 1.89
C THR B 337 -3.08 -17.59 1.15
N LEU B 338 -3.89 -16.80 1.89
CA LEU B 338 -4.64 -15.73 1.27
C LEU B 338 -3.69 -14.67 0.67
N SER B 339 -2.65 -14.23 1.41
CA SER B 339 -1.69 -13.25 0.89
C SER B 339 -1.09 -13.80 -0.40
N THR B 340 -0.69 -15.07 -0.39
CA THR B 340 -0.07 -15.68 -1.54
C THR B 340 -0.98 -15.64 -2.76
N LEU B 341 -2.24 -16.04 -2.60
CA LEU B 341 -3.22 -16.04 -3.68
C LEU B 341 -3.39 -14.61 -4.23
N GLU B 342 -3.52 -13.62 -3.34
CA GLU B 342 -3.75 -12.22 -3.77
C GLU B 342 -2.52 -11.71 -4.53
N TYR B 343 -1.34 -12.00 -4.00
CA TYR B 343 -0.08 -11.56 -4.55
C TYR B 343 0.08 -12.20 -5.93
N ALA B 344 -0.12 -13.51 -6.02
CA ALA B 344 0.05 -14.20 -7.28
C ALA B 344 -0.99 -13.72 -8.31
N HIS B 345 -2.26 -13.64 -7.90
CA HIS B 345 -3.36 -13.26 -8.80
C HIS B 345 -3.07 -11.92 -9.51
N ARG B 346 -2.61 -10.91 -8.78
CA ARG B 346 -2.32 -9.58 -9.34
C ARG B 346 -1.20 -9.66 -10.42
N ALA B 347 -0.21 -10.55 -10.21
CA ALA B 347 0.94 -10.69 -11.12
C ALA B 347 0.53 -11.14 -12.55
N LYS B 348 -0.70 -11.64 -12.72
CA LYS B 348 -1.17 -12.09 -14.03
C LYS B 348 -1.32 -10.92 -15.00
N ASN B 349 -1.39 -9.71 -14.46
CA ASN B 349 -1.55 -8.49 -15.26
C ASN B 349 -0.20 -8.01 -15.84
N ILE B 350 0.93 -8.65 -15.48
CA ILE B 350 2.22 -8.19 -15.98
C ILE B 350 2.35 -8.69 -17.42
N LEU B 351 2.64 -7.75 -18.33
CA LEU B 351 2.79 -8.04 -19.78
C LEU B 351 4.28 -8.11 -20.11
N ASN B 352 4.72 -9.27 -20.60
CA ASN B 352 6.09 -9.49 -21.12
C ASN B 352 6.01 -9.45 -22.67
N LYS B 353 7.15 -9.14 -23.31
CA LYS B 353 7.26 -9.03 -24.77
C LYS B 353 8.31 -10.04 -25.24
N PRO B 354 7.99 -11.35 -25.29
CA PRO B 354 8.97 -12.38 -25.66
C PRO B 354 9.63 -12.20 -27.02
N GLU B 355 10.95 -12.43 -27.07
CA GLU B 355 11.74 -12.39 -28.30
C GLU B 355 12.74 -13.56 -28.26
N VAL B 356 13.08 -14.07 -29.44
CA VAL B 356 14.02 -15.18 -29.57
C VAL B 356 15.44 -14.60 -29.64
N ASN B 357 16.37 -15.32 -29.02
CA ASN B 357 17.78 -14.97 -28.92
C ASN B 357 18.45 -15.52 -30.17
N GLN B 358 18.55 -14.65 -31.17
CA GLN B 358 19.08 -14.86 -32.54
C GLN B 358 18.34 -16.04 -33.16
PB ADP C . -19.90 12.84 7.58
O1B ADP C . -19.91 14.36 7.41
O2B ADP C . -18.63 12.32 8.15
O3B ADP C . -20.31 12.03 6.35
PA ADP C . -22.31 13.32 9.06
O1A ADP C . -21.87 14.50 9.93
O2A ADP C . -23.03 13.56 7.75
O3A ADP C . -20.99 12.45 8.72
O5' ADP C . -23.06 12.25 10.02
C5' ADP C . -23.69 11.06 9.51
C4' ADP C . -24.87 10.67 10.38
O4' ADP C . -24.39 10.29 11.67
C3' ADP C . -25.82 11.86 10.66
O3' ADP C . -27.12 11.38 10.90
C2' ADP C . -25.37 12.39 12.01
O2' ADP C . -26.40 13.17 12.64
C1' ADP C . -24.95 11.13 12.71
N9 ADP C . -23.91 11.33 13.72
C8 ADP C . -22.61 11.62 13.43
N7 ADP C . -21.87 11.75 14.54
C5 ADP C . -22.72 11.57 15.57
C6 ADP C . -22.55 11.54 17.05
N6 ADP C . -21.32 11.80 17.56
N1 ADP C . -23.66 11.34 17.79
C2 ADP C . -24.89 11.09 17.24
N3 ADP C . -25.11 11.07 15.89
C4 ADP C . -24.06 11.27 15.05
MG MG D . -20.05 15.68 5.80
O1 4C5 E . -24.76 20.74 6.57
C1 4C5 E . -25.51 21.42 7.25
O2 4C5 E . -26.44 22.09 6.56
C2 4C5 E . -25.39 21.52 8.78
N 4C5 E . -24.11 20.92 9.19
C3 4C5 E . -25.39 22.97 9.26
S 4C5 E . -25.69 23.21 11.01
C4 4C5 E . -25.83 25.00 11.31
C12 4C5 E . -25.99 25.28 12.76
C17 4C5 E . -25.56 26.50 13.29
C16 4C5 E . -25.69 26.71 14.64
C15 4C5 E . -26.26 25.76 15.50
C14 4C5 E . -26.67 24.55 15.01
C13 4C5 E . -26.52 24.31 13.64
C18 4C5 E . -27.06 25.62 10.65
C23 4C5 E . -28.13 24.85 10.19
C22 4C5 E . -29.24 25.46 9.62
C21 4C5 E . -29.31 26.83 9.48
C20 4C5 E . -28.26 27.60 9.91
C19 4C5 E . -27.15 27.00 10.50
C5 4C5 E . -24.53 25.42 10.70
C11 4C5 E . -24.43 25.95 9.39
C10 4C5 E . -23.18 26.25 8.85
C8 4C5 E . -22.02 25.97 9.59
O3 4C5 E . -20.79 26.23 9.13
C9 4C5 E . -20.45 26.36 7.77
C7 4C5 E . -22.10 25.46 10.86
C6 4C5 E . -23.36 25.17 11.40
S SO4 F . -32.32 -8.53 11.98
O1 SO4 F . -31.19 -7.79 11.31
O2 SO4 F . -32.69 -7.82 13.19
O3 SO4 F . -31.79 -9.83 12.31
O4 SO4 F . -33.48 -8.70 11.10
S SO4 G . -16.25 20.44 -14.90
O1 SO4 G . -15.04 21.35 -14.72
O2 SO4 G . -17.34 21.07 -14.14
O3 SO4 G . -16.01 19.07 -14.40
O4 SO4 G . -16.53 20.35 -16.38
NA NA H . -13.47 23.52 -15.29
PB ADP I . 9.35 -24.83 0.80
O1B ADP I . 9.54 -24.29 2.22
O2B ADP I . 8.28 -24.00 0.15
O3B ADP I . 10.60 -24.98 -0.03
PA ADP I . 9.40 -27.69 0.95
O1A ADP I . 10.56 -27.54 1.83
O2A ADP I . 9.52 -28.04 -0.50
O3A ADP I . 8.64 -26.28 0.91
O5' ADP I . 8.34 -28.76 1.54
C5' ADP I . 7.93 -28.82 2.91
C4' ADP I . 7.41 -30.18 3.32
O4' ADP I . 6.15 -30.48 2.67
C3' ADP I . 8.36 -31.27 2.84
O3' ADP I . 8.30 -32.37 3.74
C2' ADP I . 7.75 -31.71 1.51
O2' ADP I . 8.07 -33.04 1.16
C1' ADP I . 6.27 -31.54 1.76
N9 ADP I . 5.57 -31.24 0.54
C8 ADP I . 5.64 -30.06 -0.14
N7 ADP I . 4.88 -30.10 -1.24
C5 ADP I . 4.34 -31.35 -1.27
C6 ADP I . 3.39 -32.10 -2.16
N6 ADP I . 2.91 -31.52 -3.26
N1 ADP I . 3.10 -33.38 -1.85
C2 ADP I . 3.58 -34.01 -0.76
N3 ADP I . 4.41 -33.40 0.10
C4 ADP I . 4.81 -32.10 -0.11
MG MG J . 12.52 -24.54 0.07
O1 4C5 K . 17.02 -29.75 -0.91
C1 4C5 K . 17.52 -30.70 -1.48
O2 4C5 K . 18.80 -30.95 -1.19
C2 4C5 K . 16.68 -31.48 -2.47
N 4C5 K . 15.78 -30.53 -3.08
C3 4C5 K . 17.50 -32.09 -3.58
S 4C5 K . 16.59 -33.16 -4.71
C4 4C5 K . 17.75 -33.70 -6.01
C12 4C5 K . 17.16 -34.70 -6.97
C17 4C5 K . 17.73 -34.92 -8.22
C16 4C5 K . 17.20 -35.87 -9.07
C15 4C5 K . 16.11 -36.64 -8.68
C14 4C5 K . 15.56 -36.45 -7.43
C13 4C5 K . 16.07 -35.48 -6.58
C18 4C5 K . 18.96 -34.43 -5.45
C23 4C5 K . 20.10 -34.64 -6.22
C22 4C5 K . 21.21 -35.32 -5.73
C21 4C5 K . 21.18 -35.84 -4.44
C20 4C5 K . 20.06 -35.65 -3.66
C19 4C5 K . 18.96 -34.97 -4.18
C5 4C5 K . 18.10 -32.36 -6.58
C11 4C5 K . 19.27 -31.67 -6.24
C10 4C5 K . 19.50 -30.41 -6.74
C8 4C5 K . 18.55 -29.80 -7.56
O3 4C5 K . 18.72 -28.56 -8.08
C9 4C5 K . 19.96 -27.84 -7.92
C7 4C5 K . 17.41 -30.48 -7.91
C6 4C5 K . 17.18 -31.74 -7.41
S SO4 L . -5.99 -33.58 18.74
O1 SO4 L . -5.31 -33.84 20.01
O2 SO4 L . -7.35 -33.09 18.92
O3 SO4 L . -6.06 -34.86 18.06
O4 SO4 L . -5.31 -32.52 17.94
S SO4 M . 27.70 -10.37 6.47
O1 SO4 M . 26.28 -10.50 6.80
O2 SO4 M . 28.37 -9.79 7.66
O3 SO4 M . 28.20 -11.71 6.07
O4 SO4 M . 27.99 -9.48 5.30
NA NA N . 29.24 -8.39 3.34
#